data_1ZFE
# 
_entry.id   1ZFE 
# 
_audit_conform.dict_name       mmcif_pdbx.dic 
_audit_conform.dict_version    5.389 
_audit_conform.dict_location   http://mmcif.pdb.org/dictionaries/ascii/mmcif_pdbx.dic 
# 
loop_
_database_2.database_id 
_database_2.database_code 
_database_2.pdbx_database_accession 
_database_2.pdbx_DOI 
PDB   1ZFE         pdb_00001zfe 10.2210/pdb1zfe/pdb 
NDB   BD0083       ?            ?                   
RCSB  RCSB032656   ?            ?                   
WWPDB D_1000032656 ?            ?                   
# 
loop_
_pdbx_audit_revision_history.ordinal 
_pdbx_audit_revision_history.data_content_type 
_pdbx_audit_revision_history.major_revision 
_pdbx_audit_revision_history.minor_revision 
_pdbx_audit_revision_history.revision_date 
1 'Structure model' 1 0 2005-05-10 
2 'Structure model' 1 1 2008-04-30 
3 'Structure model' 1 2 2011-07-13 
4 'Structure model' 1 3 2024-02-14 
5 'Structure model' 1 4 2024-04-03 
# 
_pdbx_audit_revision_details.ordinal             1 
_pdbx_audit_revision_details.revision_ordinal    1 
_pdbx_audit_revision_details.data_content_type   'Structure model' 
_pdbx_audit_revision_details.provider            repository 
_pdbx_audit_revision_details.type                'Initial release' 
_pdbx_audit_revision_details.description         ? 
_pdbx_audit_revision_details.details             ? 
# 
loop_
_pdbx_audit_revision_group.ordinal 
_pdbx_audit_revision_group.revision_ordinal 
_pdbx_audit_revision_group.data_content_type 
_pdbx_audit_revision_group.group 
1 2 'Structure model' 'Version format compliance' 
2 3 'Structure model' 'Version format compliance' 
3 4 'Structure model' 'Data collection'           
4 4 'Structure model' 'Database references'       
5 5 'Structure model' 'Refinement description'    
# 
loop_
_pdbx_audit_revision_category.ordinal 
_pdbx_audit_revision_category.revision_ordinal 
_pdbx_audit_revision_category.data_content_type 
_pdbx_audit_revision_category.category 
1 4 'Structure model' chem_comp_atom                
2 4 'Structure model' chem_comp_bond                
3 4 'Structure model' database_2                    
4 5 'Structure model' pdbx_initial_refinement_model 
# 
loop_
_pdbx_audit_revision_item.ordinal 
_pdbx_audit_revision_item.revision_ordinal 
_pdbx_audit_revision_item.data_content_type 
_pdbx_audit_revision_item.item 
1 4 'Structure model' '_database_2.pdbx_DOI'                
2 4 'Structure model' '_database_2.pdbx_database_accession' 
# 
_pdbx_database_status.entry_id                        1ZFE 
_pdbx_database_status.deposit_site                    RCSB 
_pdbx_database_status.process_site                    RCSB 
_pdbx_database_status.recvd_initial_deposition_date   2005-04-20 
_pdbx_database_status.status_code                     REL 
_pdbx_database_status.status_code_sf                  REL 
_pdbx_database_status.status_code_mr                  ? 
_pdbx_database_status.SG_entry                        ? 
_pdbx_database_status.pdb_format_compatible           Y 
_pdbx_database_status.status_code_cs                  ? 
_pdbx_database_status.status_code_nmr_data            ? 
_pdbx_database_status.methods_development_category    ? 
# 
loop_
_pdbx_database_related.db_name 
_pdbx_database_related.db_id 
_pdbx_database_related.details 
_pdbx_database_related.content_type 
PDB 1P4Y . unspecified 
PDB 1P4Z . unspecified 
PDB 1DCW . unspecified 
PDB 1DCV . unspecified 
PDB 1ZEW . unspecified 
PDB 1ZEX . unspecified 
PDB 1ZEY . unspecified 
PDB 1ZEZ . unspecified 
PDB 1ZF0 . unspecified 
PDB 1ZF1 . unspecified 
PDB 1ZF2 . unspecified 
PDB 1ZF3 . unspecified 
PDB 1ZF4 . unspecified 
PDB 1ZF5 . unspecified 
PDB 1ZF6 . unspecified 
PDB 1ZF7 . unspecified 
PDB 1ZF8 . unspecified 
PDB 1ZF9 . unspecified 
PDB 1ZFA . unspecified 
PDB 1ZFB . unspecified 
PDB 1ZFC . unspecified 
PDB 1ZFF . unspecified 
PDB 1ZFG . unspecified 
PDB 1ZFH . unspecified 
PDB 1ZFM . unspecified 
# 
loop_
_audit_author.name 
_audit_author.pdbx_ordinal 
'Hays, F.A.'      1 
'Teegarden, A.T.' 2 
'Jones, Z.J.R.'   3 
'Harms, M.'       4 
'Raup, D.'        5 
'Watson, J.'      6 
'Cavaliere, E.'   7 
'Ho, P.S.'        8 
# 
_citation.id                        primary 
_citation.title                     'How sequence defines structure: a crystallographic map of DNA structure and conformation.' 
_citation.journal_abbrev            Proc.Natl.Acad.Sci.Usa 
_citation.journal_volume            102 
_citation.page_first                7157 
_citation.page_last                 7162 
_citation.year                      2005 
_citation.journal_id_ASTM           PNASA6 
_citation.country                   US 
_citation.journal_id_ISSN           0027-8424 
_citation.journal_id_CSD            0040 
_citation.book_publisher            ? 
_citation.pdbx_database_id_PubMed   15870206 
_citation.pdbx_database_id_DOI      10.1073/pnas.0409455102 
# 
loop_
_citation_author.citation_id 
_citation_author.name 
_citation_author.ordinal 
_citation_author.identifier_ORCID 
primary 'Hays, F.A.'    1 ? 
primary 'Teegarden, A.' 2 ? 
primary 'Jones, Z.J.'   3 ? 
primary 'Harms, M.'     4 ? 
primary 'Raup, D.'      5 ? 
primary 'Watson, J.'    6 ? 
primary 'Cavaliere, E.' 7 ? 
primary 'Ho, P.S.'      8 ? 
# 
loop_
_entity.id 
_entity.type 
_entity.src_method 
_entity.pdbx_description 
_entity.formula_weight 
_entity.pdbx_number_of_molecules 
_entity.pdbx_ec 
_entity.pdbx_mutation 
_entity.pdbx_fragment 
_entity.details 
1 polymer syn "5'-D(*CP*CP*TP*GP*CP*GP*CP*AP*GP*G)-3'" 3045.992 2  ? ? ? ? 
2 water   nat water                                    18.015   32 ? ? ? ? 
# 
_entity_poly.entity_id                      1 
_entity_poly.type                           polydeoxyribonucleotide 
_entity_poly.nstd_linkage                   no 
_entity_poly.nstd_monomer                   no 
_entity_poly.pdbx_seq_one_letter_code       '(DC)(DC)(DT)(DG)(DC)(DG)(DC)(DA)(DG)(DG)' 
_entity_poly.pdbx_seq_one_letter_code_can   CCTGCGCAGG 
_entity_poly.pdbx_strand_id                 A,B 
_entity_poly.pdbx_target_identifier         ? 
# 
_pdbx_entity_nonpoly.entity_id   2 
_pdbx_entity_nonpoly.name        water 
_pdbx_entity_nonpoly.comp_id     HOH 
# 
loop_
_entity_poly_seq.entity_id 
_entity_poly_seq.num 
_entity_poly_seq.mon_id 
_entity_poly_seq.hetero 
1 1  DC n 
1 2  DC n 
1 3  DT n 
1 4  DG n 
1 5  DC n 
1 6  DG n 
1 7  DC n 
1 8  DA n 
1 9  DG n 
1 10 DG n 
# 
_pdbx_entity_src_syn.entity_id              1 
_pdbx_entity_src_syn.pdbx_src_id            1 
_pdbx_entity_src_syn.pdbx_alt_source_flag   sample 
_pdbx_entity_src_syn.pdbx_beg_seq_num       ? 
_pdbx_entity_src_syn.pdbx_end_seq_num       ? 
_pdbx_entity_src_syn.organism_scientific    ? 
_pdbx_entity_src_syn.organism_common_name   ? 
_pdbx_entity_src_syn.ncbi_taxonomy_id       ? 
_pdbx_entity_src_syn.details                
;DNA WAS SYNTHESIZED ON AN APPLIED BIOSYSTEMS DNA SYNTHESIZER USING PHOSPHORAMIDITE CHEMISTRY, WITH THE TRITYL-PROTECTING GROUP LEFT INTACT AT THE 5'-TERMINAL NUCLEOTIDE THEN DEPROTECTED BY TREATMENT WITH 3% ACETIC ACID FOR FIFTEEN MINUTES, NEUTRALIZED WITH AMMONIUM HYDROXIDE, AND DESALTED ON A SIGMA G-25 SEPHADEX COLUMN.
;
# 
loop_
_chem_comp.id 
_chem_comp.type 
_chem_comp.mon_nstd_flag 
_chem_comp.name 
_chem_comp.pdbx_synonyms 
_chem_comp.formula 
_chem_comp.formula_weight 
DA  'DNA linking' y "2'-DEOXYADENOSINE-5'-MONOPHOSPHATE" ? 'C10 H14 N5 O6 P' 331.222 
DC  'DNA linking' y "2'-DEOXYCYTIDINE-5'-MONOPHOSPHATE"  ? 'C9 H14 N3 O7 P'  307.197 
DG  'DNA linking' y "2'-DEOXYGUANOSINE-5'-MONOPHOSPHATE" ? 'C10 H14 N5 O7 P' 347.221 
DT  'DNA linking' y "THYMIDINE-5'-MONOPHOSPHATE"         ? 'C10 H15 N2 O8 P' 322.208 
HOH non-polymer   . WATER                                ? 'H2 O'            18.015  
# 
loop_
_pdbx_poly_seq_scheme.asym_id 
_pdbx_poly_seq_scheme.entity_id 
_pdbx_poly_seq_scheme.seq_id 
_pdbx_poly_seq_scheme.mon_id 
_pdbx_poly_seq_scheme.ndb_seq_num 
_pdbx_poly_seq_scheme.pdb_seq_num 
_pdbx_poly_seq_scheme.auth_seq_num 
_pdbx_poly_seq_scheme.pdb_mon_id 
_pdbx_poly_seq_scheme.auth_mon_id 
_pdbx_poly_seq_scheme.pdb_strand_id 
_pdbx_poly_seq_scheme.pdb_ins_code 
_pdbx_poly_seq_scheme.hetero 
A 1 1  DC 1  1  1  DC C A . n 
A 1 2  DC 2  2  2  DC C A . n 
A 1 3  DT 3  3  3  DT T A . n 
A 1 4  DG 4  4  4  DG G A . n 
A 1 5  DC 5  5  5  DC C A . n 
A 1 6  DG 6  6  6  DG G A . n 
A 1 7  DC 7  7  7  DC C A . n 
A 1 8  DA 8  8  8  DA A A . n 
A 1 9  DG 9  9  9  DG G A . n 
A 1 10 DG 10 10 10 DG G A . n 
B 1 1  DC 1  11 11 DC C B . n 
B 1 2  DC 2  12 12 DC C B . n 
B 1 3  DT 3  13 13 DT T B . n 
B 1 4  DG 4  14 14 DG G B . n 
B 1 5  DC 5  15 15 DC C B . n 
B 1 6  DG 6  16 16 DG G B . n 
B 1 7  DC 7  17 17 DC C B . n 
B 1 8  DA 8  18 18 DA A B . n 
B 1 9  DG 9  19 19 DG G B . n 
B 1 10 DG 10 20 20 DG G B . n 
# 
loop_
_pdbx_nonpoly_scheme.asym_id 
_pdbx_nonpoly_scheme.entity_id 
_pdbx_nonpoly_scheme.mon_id 
_pdbx_nonpoly_scheme.ndb_seq_num 
_pdbx_nonpoly_scheme.pdb_seq_num 
_pdbx_nonpoly_scheme.auth_seq_num 
_pdbx_nonpoly_scheme.pdb_mon_id 
_pdbx_nonpoly_scheme.auth_mon_id 
_pdbx_nonpoly_scheme.pdb_strand_id 
_pdbx_nonpoly_scheme.pdb_ins_code 
C 2 HOH 1  21 21 HOH HOH A . 
C 2 HOH 2  25 25 HOH HOH A . 
C 2 HOH 3  26 26 HOH HOH A . 
C 2 HOH 4  29 29 HOH HOH A . 
C 2 HOH 5  31 31 HOH HOH A . 
C 2 HOH 6  37 37 HOH HOH A . 
C 2 HOH 7  40 40 HOH HOH A . 
C 2 HOH 8  41 41 HOH HOH A . 
C 2 HOH 9  43 43 HOH HOH A . 
C 2 HOH 10 45 45 HOH HOH A . 
C 2 HOH 11 47 47 HOH HOH A . 
C 2 HOH 12 54 54 HOH HOH A . 
C 2 HOH 13 58 58 HOH HOH A . 
D 2 HOH 1  22 22 HOH HOH B . 
D 2 HOH 2  23 23 HOH HOH B . 
D 2 HOH 3  24 24 HOH HOH B . 
D 2 HOH 4  28 28 HOH HOH B . 
D 2 HOH 5  30 30 HOH HOH B . 
D 2 HOH 6  32 32 HOH HOH B . 
D 2 HOH 7  33 33 HOH HOH B . 
D 2 HOH 8  34 34 HOH HOH B . 
D 2 HOH 9  35 35 HOH HOH B . 
D 2 HOH 10 36 36 HOH HOH B . 
D 2 HOH 11 42 42 HOH HOH B . 
D 2 HOH 12 44 44 HOH HOH B . 
D 2 HOH 13 48 48 HOH HOH B . 
D 2 HOH 14 49 49 HOH HOH B . 
D 2 HOH 15 50 50 HOH HOH B . 
D 2 HOH 16 51 51 HOH HOH B . 
D 2 HOH 17 52 52 HOH HOH B . 
D 2 HOH 18 53 53 HOH HOH B . 
D 2 HOH 19 57 57 HOH HOH B . 
# 
loop_
_software.name 
_software.version 
_software.date 
_software.type 
_software.contact_author 
_software.contact_author_email 
_software.classification 
_software.location 
_software.language 
_software.citation_id 
_software.pdbx_ordinal 
REFMAC    5.2.0005 ? program 'Murshudov, G.N.' ccp4@dl.ac.uk refinement       http://www.ccp4.ac.uk/main.html Fortran ? 1 
DENZO     .        ? ?       ?                 ?             'data reduction' ?                               ?       ? 2 
SCALEPACK .        ? ?       ?                 ?             'data scaling'   ?                               ?       ? 3 
EPMR      .        ? ?       ?                 ?             phasing          ?                               ?       ? 4 
# 
_cell.entry_id           1ZFE 
_cell.length_a           63.972 
_cell.length_b           23.821 
_cell.length_c           46.128 
_cell.angle_alpha        90.00 
_cell.angle_beta         126.14 
_cell.angle_gamma        90.00 
_cell.Z_PDB              8 
_cell.pdbx_unique_axis   ? 
# 
_symmetry.entry_id                         1ZFE 
_symmetry.space_group_name_H-M             'C 1 2 1' 
_symmetry.pdbx_full_space_group_name_H-M   ? 
_symmetry.cell_setting                     ? 
_symmetry.Int_Tables_number                5 
_symmetry.space_group_name_Hall            ? 
# 
_exptl.entry_id          1ZFE 
_exptl.method            'X-RAY DIFFRACTION' 
_exptl.crystals_number   1 
# 
_exptl_crystal.id                    1 
_exptl_crystal.density_meas          ? 
_exptl_crystal.density_Matthews      2.33 
_exptl_crystal.density_percent_sol   47.20 
_exptl_crystal.description           ? 
_exptl_crystal.F_000                 ? 
_exptl_crystal.preparation           ? 
# 
_exptl_crystal_grow.crystal_id      1 
_exptl_crystal_grow.method          ? 
_exptl_crystal_grow.temp            298 
_exptl_crystal_grow.temp_details    ? 
_exptl_crystal_grow.pH              7.00 
_exptl_crystal_grow.pdbx_details    
'Na Cacodylate, CaCl2, Spermine, MPD in resevoir, pH 7.0, VAPOR DIFFUSION, SITTING DROP, temperature 298K, pH 7.00' 
_exptl_crystal_grow.pdbx_pH_range   . 
# 
loop_
_exptl_crystal_grow_comp.crystal_id 
_exptl_crystal_grow_comp.id 
_exptl_crystal_grow_comp.sol_id 
_exptl_crystal_grow_comp.name 
_exptl_crystal_grow_comp.conc 
_exptl_crystal_grow_comp.volume 
_exptl_crystal_grow_comp.details 
1 1 1 'Na Cacodylate' ? ? ? 
1 2 1 CaCl2           ? ? ? 
1 3 1 Spermine        ? ? ? 
1 4 1 MPD             ? ? ? 
1 5 1 H2O             ? ? ? 
1 6 2 'Na Cacodylate' ? ? ? 
1 7 2 CaCl2           ? ? ? 
1 8 2 MPD             ? ? ? 
1 9 2 H2O             ? ? ? 
# 
_diffrn.id                     1 
_diffrn.ambient_temp           103.0 
_diffrn.ambient_temp_details   ? 
_diffrn.crystal_id             1 
# 
_diffrn_detector.diffrn_id              1 
_diffrn_detector.detector               CCD 
_diffrn_detector.type                   'ADSC QUANTUM 4' 
_diffrn_detector.pdbx_collection_date   2004-02-25 
_diffrn_detector.details                ? 
# 
_diffrn_radiation.diffrn_id                        1 
_diffrn_radiation.wavelength_id                    1 
_diffrn_radiation.pdbx_monochromatic_or_laue_m_l   M 
_diffrn_radiation.monochromator                    ? 
_diffrn_radiation.pdbx_diffrn_protocol             'SINGLE WAVELENGTH' 
_diffrn_radiation.pdbx_scattering_type             x-ray 
# 
_diffrn_radiation_wavelength.id           1 
_diffrn_radiation_wavelength.wavelength   0.9795 
_diffrn_radiation_wavelength.wt           1.0 
# 
_diffrn_source.diffrn_id                   1 
_diffrn_source.source                      SYNCHROTRON 
_diffrn_source.type                        'APS BEAMLINE 14-BM-D' 
_diffrn_source.pdbx_synchrotron_site       APS 
_diffrn_source.pdbx_synchrotron_beamline   14-BM-D 
_diffrn_source.pdbx_wavelength             0.9795 
_diffrn_source.pdbx_wavelength_list        ? 
# 
_reflns.entry_id                     1ZFE 
_reflns.observed_criterion_sigma_I   0.000 
_reflns.observed_criterion_sigma_F   ? 
_reflns.d_resolution_low             15.200 
_reflns.d_resolution_high            2.350 
_reflns.number_obs                   1097 
_reflns.number_all                   ? 
_reflns.percent_possible_obs         63.0 
_reflns.pdbx_Rmerge_I_obs            ? 
_reflns.pdbx_Rsym_value              0.133 
_reflns.pdbx_netI_over_sigmaI        ? 
_reflns.B_iso_Wilson_estimate        ? 
_reflns.pdbx_redundancy              ? 
_reflns.R_free_details               ? 
_reflns.pdbx_chi_squared             ? 
_reflns.pdbx_scaling_rejects         ? 
_reflns.pdbx_diffrn_id               1 
_reflns.pdbx_ordinal                 1 
# 
_reflns_shell.d_res_high             2.35 
_reflns_shell.d_res_low              2.45 
_reflns_shell.percent_possible_all   89.9 
_reflns_shell.Rmerge_I_obs           0.423 
_reflns_shell.pdbx_Rsym_value        ? 
_reflns_shell.meanI_over_sigI_obs    2.1 
_reflns_shell.pdbx_redundancy        ? 
_reflns_shell.percent_possible_obs   ? 
_reflns_shell.number_unique_all      ? 
_reflns_shell.number_measured_all    ? 
_reflns_shell.number_measured_obs    ? 
_reflns_shell.number_unique_obs      ? 
_reflns_shell.pdbx_chi_squared       ? 
_reflns_shell.pdbx_diffrn_id         ? 
_reflns_shell.pdbx_ordinal           1 
# 
_refine.entry_id                                 1ZFE 
_refine.ls_number_reflns_obs                     965 
_refine.ls_number_reflns_all                     ? 
_refine.pdbx_ls_sigma_I                          ? 
_refine.pdbx_ls_sigma_F                          0.000 
_refine.pdbx_data_cutoff_high_absF               ? 
_refine.pdbx_data_cutoff_low_absF                ? 
_refine.pdbx_data_cutoff_high_rms_absF           ? 
_refine.ls_d_res_low                             10.00 
_refine.ls_d_res_high                            2.50 
_refine.ls_percent_reflns_obs                    100.0 
_refine.ls_R_factor_obs                          0.275 
_refine.ls_R_factor_all                          ? 
_refine.ls_R_factor_R_work                       0.271 
_refine.ls_R_factor_R_free                       0.307 
_refine.ls_R_factor_R_free_error                 ? 
_refine.ls_R_factor_R_free_error_details         ? 
_refine.ls_percent_reflns_R_free                 9.700 
_refine.ls_number_reflns_R_free                  104 
_refine.ls_number_parameters                     ? 
_refine.ls_number_restraints                     ? 
_refine.occupancy_min                            ? 
_refine.occupancy_max                            ? 
_refine.correlation_coeff_Fo_to_Fc               0.773 
_refine.correlation_coeff_Fo_to_Fc_free          0.714 
_refine.B_iso_mean                               12.26 
_refine.aniso_B[1][1]                            -1.69000 
_refine.aniso_B[2][2]                            1.86000 
_refine.aniso_B[3][3]                            -0.83000 
_refine.aniso_B[1][2]                            0.00000 
_refine.aniso_B[1][3]                            -0.56000 
_refine.aniso_B[2][3]                            0.00000 
_refine.solvent_model_details                    MASK 
_refine.solvent_model_param_ksol                 ? 
_refine.solvent_model_param_bsol                 ? 
_refine.pdbx_solvent_vdw_probe_radii             1.20 
_refine.pdbx_solvent_ion_probe_radii             0.80 
_refine.pdbx_solvent_shrinkage_radii             0.80 
_refine.pdbx_ls_cross_valid_method               THROUGHOUT 
_refine.details                                  
;STRUCTURE IS NOT REFINED TO ITS LOWEST R AND RFREE VALUES. REFER TO CITATION FOR MORE INFORMATION. STRUCTURE WILL BE UPDATED AS BETTER DATA IS COLLECTED.
;
_refine.pdbx_starting_model                      'NDB ENTRY BD0028' 
_refine.pdbx_method_to_determine_struct          'MOLECULAR REPLACEMENT' 
_refine.pdbx_isotropic_thermal_model             ? 
_refine.pdbx_stereochemistry_target_values       'MAXIMUM LIKELIHOOD' 
_refine.pdbx_stereochem_target_val_spec_case     ? 
_refine.pdbx_R_Free_selection_details            RANDOM 
_refine.pdbx_overall_ESU_R                       ? 
_refine.pdbx_overall_ESU_R_Free                  0.541 
_refine.overall_SU_ML                            0.368 
_refine.overall_SU_B                             16.728 
_refine.ls_redundancy_reflns_obs                 ? 
_refine.overall_SU_R_Cruickshank_DPI             ? 
_refine.overall_SU_R_free                        ? 
_refine.ls_wR_factor_R_free                      ? 
_refine.ls_wR_factor_R_work                      ? 
_refine.overall_FOM_free_R_set                   ? 
_refine.overall_FOM_work_R_set                   ? 
_refine.pdbx_refine_id                           'X-RAY DIFFRACTION' 
_refine.pdbx_diffrn_id                           1 
_refine.pdbx_TLS_residual_ADP_flag               ? 
_refine.pdbx_overall_phase_error                 ? 
_refine.pdbx_overall_SU_R_free_Cruickshank_DPI   ? 
_refine.pdbx_overall_SU_R_Blow_DPI               ? 
_refine.pdbx_overall_SU_R_free_Blow_DPI          ? 
# 
_refine_hist.pdbx_refine_id                   'X-RAY DIFFRACTION' 
_refine_hist.cycle_id                         LAST 
_refine_hist.pdbx_number_atoms_protein        0 
_refine_hist.pdbx_number_atoms_nucleic_acid   404 
_refine_hist.pdbx_number_atoms_ligand         0 
_refine_hist.number_atoms_solvent             32 
_refine_hist.number_atoms_total               436 
_refine_hist.d_res_high                       2.50 
_refine_hist.d_res_low                        10.00 
# 
loop_
_refine_ls_restr.type 
_refine_ls_restr.dev_ideal 
_refine_ls_restr.dev_ideal_target 
_refine_ls_restr.weight 
_refine_ls_restr.number 
_refine_ls_restr.pdbx_refine_id 
_refine_ls_restr.pdbx_restraint_function 
r_bond_refined_d             0.005 0.021 ? 452 'X-RAY DIFFRACTION' ? 
r_bond_other_d               ?     ?     ? ?   'X-RAY DIFFRACTION' ? 
r_angle_refined_deg          1.201 3.000 ? 694 'X-RAY DIFFRACTION' ? 
r_angle_other_deg            ?     ?     ? ?   'X-RAY DIFFRACTION' ? 
r_dihedral_angle_1_deg       ?     ?     ? ?   'X-RAY DIFFRACTION' ? 
r_dihedral_angle_2_deg       ?     ?     ? ?   'X-RAY DIFFRACTION' ? 
r_dihedral_angle_3_deg       ?     ?     ? ?   'X-RAY DIFFRACTION' ? 
r_dihedral_angle_4_deg       ?     ?     ? ?   'X-RAY DIFFRACTION' ? 
r_chiral_restr               0.054 0.200 ? 78  'X-RAY DIFFRACTION' ? 
r_gen_planes_refined         0.002 0.020 ? 208 'X-RAY DIFFRACTION' ? 
r_gen_planes_other           ?     ?     ? ?   'X-RAY DIFFRACTION' ? 
r_nbd_refined                0.196 0.200 ? 120 'X-RAY DIFFRACTION' ? 
r_nbd_other                  ?     ?     ? ?   'X-RAY DIFFRACTION' ? 
r_nbtor_refined              0.293 0.200 ? 246 'X-RAY DIFFRACTION' ? 
r_nbtor_other                ?     ?     ? ?   'X-RAY DIFFRACTION' ? 
r_xyhbond_nbd_refined        0.176 0.200 ? 26  'X-RAY DIFFRACTION' ? 
r_xyhbond_nbd_other          ?     ?     ? ?   'X-RAY DIFFRACTION' ? 
r_metal_ion_refined          ?     ?     ? ?   'X-RAY DIFFRACTION' ? 
r_metal_ion_other            ?     ?     ? ?   'X-RAY DIFFRACTION' ? 
r_symmetry_vdw_refined       0.134 0.200 ? 25  'X-RAY DIFFRACTION' ? 
r_symmetry_vdw_other         ?     ?     ? ?   'X-RAY DIFFRACTION' ? 
r_symmetry_hbond_refined     0.085 0.200 ? 5   'X-RAY DIFFRACTION' ? 
r_symmetry_hbond_other       ?     ?     ? ?   'X-RAY DIFFRACTION' ? 
r_symmetry_metal_ion_refined ?     ?     ? ?   'X-RAY DIFFRACTION' ? 
r_symmetry_metal_ion_other   ?     ?     ? ?   'X-RAY DIFFRACTION' ? 
r_mcbond_it                  ?     ?     ? ?   'X-RAY DIFFRACTION' ? 
r_mcbond_other               ?     ?     ? ?   'X-RAY DIFFRACTION' ? 
r_mcangle_it                 ?     ?     ? ?   'X-RAY DIFFRACTION' ? 
r_scbond_it                  0.290 3.000 ? 660 'X-RAY DIFFRACTION' ? 
r_scangle_it                 0.522 4.500 ? 694 'X-RAY DIFFRACTION' ? 
r_rigid_bond_restr           ?     ?     ? ?   'X-RAY DIFFRACTION' ? 
r_sphericity_free            ?     ?     ? ?   'X-RAY DIFFRACTION' ? 
r_sphericity_bonded          ?     ?     ? ?   'X-RAY DIFFRACTION' ? 
# 
_refine_ls_shell.pdbx_total_number_of_bins_used   20 
_refine_ls_shell.d_res_high                       2.50 
_refine_ls_shell.d_res_low                        2.56 
_refine_ls_shell.number_reflns_R_work             23 
_refine_ls_shell.R_factor_R_work                  0.422 
_refine_ls_shell.percent_reflns_obs               100.00 
_refine_ls_shell.R_factor_R_free                  0.332 
_refine_ls_shell.R_factor_R_free_error            ? 
_refine_ls_shell.percent_reflns_R_free            ? 
_refine_ls_shell.number_reflns_R_free             2 
_refine_ls_shell.redundancy_reflns_obs            ? 
_refine_ls_shell.pdbx_refine_id                   'X-RAY DIFFRACTION' 
_refine_ls_shell.number_reflns_all                ? 
_refine_ls_shell.R_factor_all                     ? 
# 
_struct.entry_id                  1ZFE 
_struct.title                     'GCA Duplex B-DNA' 
_struct.pdbx_model_details        ? 
_struct.pdbx_CASP_flag            ? 
_struct.pdbx_model_type_details   ? 
# 
_struct_keywords.text            'Crystallographic Screen, DNA Structure, Holliday Junction, Molecular Structure, DNA' 
_struct_keywords.entry_id        1ZFE 
_struct_keywords.pdbx_keywords   DNA 
# 
loop_
_struct_asym.id 
_struct_asym.pdbx_blank_PDB_chainid_flag 
_struct_asym.pdbx_modified 
_struct_asym.entity_id 
_struct_asym.details 
A N N 1 ? 
B N N 1 ? 
C N N 2 ? 
D N N 2 ? 
# 
_struct_ref.id                         1 
_struct_ref.entity_id                  1 
_struct_ref.db_name                    PDB 
_struct_ref.db_code                    1ZFE 
_struct_ref.pdbx_db_accession          1ZFE 
_struct_ref.pdbx_db_isoform            ? 
_struct_ref.pdbx_seq_one_letter_code   ? 
_struct_ref.pdbx_align_begin           ? 
# 
loop_
_struct_ref_seq.align_id 
_struct_ref_seq.ref_id 
_struct_ref_seq.pdbx_PDB_id_code 
_struct_ref_seq.pdbx_strand_id 
_struct_ref_seq.seq_align_beg 
_struct_ref_seq.pdbx_seq_align_beg_ins_code 
_struct_ref_seq.seq_align_end 
_struct_ref_seq.pdbx_seq_align_end_ins_code 
_struct_ref_seq.pdbx_db_accession 
_struct_ref_seq.db_align_beg 
_struct_ref_seq.pdbx_db_align_beg_ins_code 
_struct_ref_seq.db_align_end 
_struct_ref_seq.pdbx_db_align_end_ins_code 
_struct_ref_seq.pdbx_auth_seq_align_beg 
_struct_ref_seq.pdbx_auth_seq_align_end 
1 1 1ZFE A 1 ? 10 ? 1ZFE 1  ? 10 ? 1  10 
2 1 1ZFE B 1 ? 10 ? 1ZFE 11 ? 20 ? 11 20 
# 
_pdbx_struct_assembly.id                   1 
_pdbx_struct_assembly.details              author_defined_assembly 
_pdbx_struct_assembly.method_details       ? 
_pdbx_struct_assembly.oligomeric_details   dimeric 
_pdbx_struct_assembly.oligomeric_count     2 
# 
_pdbx_struct_assembly_gen.assembly_id       1 
_pdbx_struct_assembly_gen.oper_expression   1 
_pdbx_struct_assembly_gen.asym_id_list      A,B,C,D 
# 
_pdbx_struct_oper_list.id                   1 
_pdbx_struct_oper_list.type                 'identity operation' 
_pdbx_struct_oper_list.name                 1_555 
_pdbx_struct_oper_list.symmetry_operation   x,y,z 
_pdbx_struct_oper_list.matrix[1][1]         1.0000000000 
_pdbx_struct_oper_list.matrix[1][2]         0.0000000000 
_pdbx_struct_oper_list.matrix[1][3]         0.0000000000 
_pdbx_struct_oper_list.vector[1]            0.0000000000 
_pdbx_struct_oper_list.matrix[2][1]         0.0000000000 
_pdbx_struct_oper_list.matrix[2][2]         1.0000000000 
_pdbx_struct_oper_list.matrix[2][3]         0.0000000000 
_pdbx_struct_oper_list.vector[2]            0.0000000000 
_pdbx_struct_oper_list.matrix[3][1]         0.0000000000 
_pdbx_struct_oper_list.matrix[3][2]         0.0000000000 
_pdbx_struct_oper_list.matrix[3][3]         1.0000000000 
_pdbx_struct_oper_list.vector[3]            0.0000000000 
# 
_struct_biol.id                    1 
_struct_biol.pdbx_parent_biol_id   ? 
_struct_biol.details               ? 
# 
loop_
_struct_conn.id 
_struct_conn.conn_type_id 
_struct_conn.pdbx_leaving_atom_flag 
_struct_conn.pdbx_PDB_id 
_struct_conn.ptnr1_label_asym_id 
_struct_conn.ptnr1_label_comp_id 
_struct_conn.ptnr1_label_seq_id 
_struct_conn.ptnr1_label_atom_id 
_struct_conn.pdbx_ptnr1_label_alt_id 
_struct_conn.pdbx_ptnr1_PDB_ins_code 
_struct_conn.pdbx_ptnr1_standard_comp_id 
_struct_conn.ptnr1_symmetry 
_struct_conn.ptnr2_label_asym_id 
_struct_conn.ptnr2_label_comp_id 
_struct_conn.ptnr2_label_seq_id 
_struct_conn.ptnr2_label_atom_id 
_struct_conn.pdbx_ptnr2_label_alt_id 
_struct_conn.pdbx_ptnr2_PDB_ins_code 
_struct_conn.ptnr1_auth_asym_id 
_struct_conn.ptnr1_auth_comp_id 
_struct_conn.ptnr1_auth_seq_id 
_struct_conn.ptnr2_auth_asym_id 
_struct_conn.ptnr2_auth_comp_id 
_struct_conn.ptnr2_auth_seq_id 
_struct_conn.ptnr2_symmetry 
_struct_conn.pdbx_ptnr3_label_atom_id 
_struct_conn.pdbx_ptnr3_label_seq_id 
_struct_conn.pdbx_ptnr3_label_comp_id 
_struct_conn.pdbx_ptnr3_label_asym_id 
_struct_conn.pdbx_ptnr3_label_alt_id 
_struct_conn.pdbx_ptnr3_PDB_ins_code 
_struct_conn.details 
_struct_conn.pdbx_dist_value 
_struct_conn.pdbx_value_order 
_struct_conn.pdbx_role 
hydrog1  hydrog ? ? A DC 1  N3 ? ? ? 1_555 B DG 10 N1 ? ? A DC 1  B DG 20 1_555 ? ? ? ? ? ? WATSON-CRICK ? ? ? 
hydrog2  hydrog ? ? A DC 1  N4 ? ? ? 1_555 B DG 10 O6 ? ? A DC 1  B DG 20 1_555 ? ? ? ? ? ? WATSON-CRICK ? ? ? 
hydrog3  hydrog ? ? A DC 1  O2 ? ? ? 1_555 B DG 10 N2 ? ? A DC 1  B DG 20 1_555 ? ? ? ? ? ? WATSON-CRICK ? ? ? 
hydrog4  hydrog ? ? A DC 2  N3 ? ? ? 1_555 B DG 9  N1 ? ? A DC 2  B DG 19 1_555 ? ? ? ? ? ? WATSON-CRICK ? ? ? 
hydrog5  hydrog ? ? A DC 2  N4 ? ? ? 1_555 B DG 9  O6 ? ? A DC 2  B DG 19 1_555 ? ? ? ? ? ? WATSON-CRICK ? ? ? 
hydrog6  hydrog ? ? A DC 2  O2 ? ? ? 1_555 B DG 9  N2 ? ? A DC 2  B DG 19 1_555 ? ? ? ? ? ? WATSON-CRICK ? ? ? 
hydrog7  hydrog ? ? A DG 4  N1 ? ? ? 1_555 B DC 7  N3 ? ? A DG 4  B DC 17 1_555 ? ? ? ? ? ? WATSON-CRICK ? ? ? 
hydrog8  hydrog ? ? A DG 4  N2 ? ? ? 1_555 B DC 7  O2 ? ? A DG 4  B DC 17 1_555 ? ? ? ? ? ? WATSON-CRICK ? ? ? 
hydrog9  hydrog ? ? A DG 4  O6 ? ? ? 1_555 B DC 7  N4 ? ? A DG 4  B DC 17 1_555 ? ? ? ? ? ? WATSON-CRICK ? ? ? 
hydrog10 hydrog ? ? A DC 5  N3 ? ? ? 1_555 B DG 6  N1 ? ? A DC 5  B DG 16 1_555 ? ? ? ? ? ? WATSON-CRICK ? ? ? 
hydrog11 hydrog ? ? A DC 5  N4 ? ? ? 1_555 B DG 6  O6 ? ? A DC 5  B DG 16 1_555 ? ? ? ? ? ? WATSON-CRICK ? ? ? 
hydrog12 hydrog ? ? A DC 5  O2 ? ? ? 1_555 B DG 6  N2 ? ? A DC 5  B DG 16 1_555 ? ? ? ? ? ? WATSON-CRICK ? ? ? 
hydrog13 hydrog ? ? A DC 7  N3 ? ? ? 1_555 B DG 4  N1 ? ? A DC 7  B DG 14 1_555 ? ? ? ? ? ? WATSON-CRICK ? ? ? 
hydrog14 hydrog ? ? A DC 7  N4 ? ? ? 1_555 B DG 4  O6 ? ? A DC 7  B DG 14 1_555 ? ? ? ? ? ? WATSON-CRICK ? ? ? 
hydrog15 hydrog ? ? A DC 7  O2 ? ? ? 1_555 B DG 4  N2 ? ? A DC 7  B DG 14 1_555 ? ? ? ? ? ? WATSON-CRICK ? ? ? 
hydrog16 hydrog ? ? A DA 8  N1 ? ? ? 1_555 B DT 3  N3 ? ? A DA 8  B DT 13 1_555 ? ? ? ? ? ? WATSON-CRICK ? ? ? 
hydrog17 hydrog ? ? A DA 8  N6 ? ? ? 1_555 B DT 3  O4 ? ? A DA 8  B DT 13 1_555 ? ? ? ? ? ? WATSON-CRICK ? ? ? 
hydrog18 hydrog ? ? A DG 9  N1 ? ? ? 1_555 B DC 2  N3 ? ? A DG 9  B DC 12 1_555 ? ? ? ? ? ? WATSON-CRICK ? ? ? 
hydrog19 hydrog ? ? A DG 9  N2 ? ? ? 1_555 B DC 2  O2 ? ? A DG 9  B DC 12 1_555 ? ? ? ? ? ? WATSON-CRICK ? ? ? 
hydrog20 hydrog ? ? A DG 9  O6 ? ? ? 1_555 B DC 2  N4 ? ? A DG 9  B DC 12 1_555 ? ? ? ? ? ? WATSON-CRICK ? ? ? 
hydrog21 hydrog ? ? A DG 10 N1 ? ? ? 1_555 B DC 1  N3 ? ? A DG 10 B DC 11 1_555 ? ? ? ? ? ? WATSON-CRICK ? ? ? 
hydrog22 hydrog ? ? A DG 10 N2 ? ? ? 1_555 B DC 1  O2 ? ? A DG 10 B DC 11 1_555 ? ? ? ? ? ? WATSON-CRICK ? ? ? 
hydrog23 hydrog ? ? A DG 10 O6 ? ? ? 1_555 B DC 1  N4 ? ? A DG 10 B DC 11 1_555 ? ? ? ? ? ? WATSON-CRICK ? ? ? 
# 
_struct_conn_type.id          hydrog 
_struct_conn_type.criteria    ? 
_struct_conn_type.reference   ? 
# 
_pdbx_validate_rmsd_bond.id                        1 
_pdbx_validate_rmsd_bond.PDB_model_num             1 
_pdbx_validate_rmsd_bond.auth_atom_id_1            "C1'" 
_pdbx_validate_rmsd_bond.auth_asym_id_1            B 
_pdbx_validate_rmsd_bond.auth_comp_id_1            DA 
_pdbx_validate_rmsd_bond.auth_seq_id_1             18 
_pdbx_validate_rmsd_bond.PDB_ins_code_1            ? 
_pdbx_validate_rmsd_bond.label_alt_id_1            ? 
_pdbx_validate_rmsd_bond.auth_atom_id_2            N9 
_pdbx_validate_rmsd_bond.auth_asym_id_2            B 
_pdbx_validate_rmsd_bond.auth_comp_id_2            DA 
_pdbx_validate_rmsd_bond.auth_seq_id_2             18 
_pdbx_validate_rmsd_bond.PDB_ins_code_2            ? 
_pdbx_validate_rmsd_bond.label_alt_id_2            ? 
_pdbx_validate_rmsd_bond.bond_value                1.376 
_pdbx_validate_rmsd_bond.bond_target_value         1.468 
_pdbx_validate_rmsd_bond.bond_deviation            -0.092 
_pdbx_validate_rmsd_bond.bond_standard_deviation   0.014 
_pdbx_validate_rmsd_bond.linker_flag               N 
# 
loop_
_pdbx_validate_rmsd_angle.id 
_pdbx_validate_rmsd_angle.PDB_model_num 
_pdbx_validate_rmsd_angle.auth_atom_id_1 
_pdbx_validate_rmsd_angle.auth_asym_id_1 
_pdbx_validate_rmsd_angle.auth_comp_id_1 
_pdbx_validate_rmsd_angle.auth_seq_id_1 
_pdbx_validate_rmsd_angle.PDB_ins_code_1 
_pdbx_validate_rmsd_angle.label_alt_id_1 
_pdbx_validate_rmsd_angle.auth_atom_id_2 
_pdbx_validate_rmsd_angle.auth_asym_id_2 
_pdbx_validate_rmsd_angle.auth_comp_id_2 
_pdbx_validate_rmsd_angle.auth_seq_id_2 
_pdbx_validate_rmsd_angle.PDB_ins_code_2 
_pdbx_validate_rmsd_angle.label_alt_id_2 
_pdbx_validate_rmsd_angle.auth_atom_id_3 
_pdbx_validate_rmsd_angle.auth_asym_id_3 
_pdbx_validate_rmsd_angle.auth_comp_id_3 
_pdbx_validate_rmsd_angle.auth_seq_id_3 
_pdbx_validate_rmsd_angle.PDB_ins_code_3 
_pdbx_validate_rmsd_angle.label_alt_id_3 
_pdbx_validate_rmsd_angle.angle_value 
_pdbx_validate_rmsd_angle.angle_target_value 
_pdbx_validate_rmsd_angle.angle_deviation 
_pdbx_validate_rmsd_angle.angle_standard_deviation 
_pdbx_validate_rmsd_angle.linker_flag 
1 1 C6    A DC 2  ? ? N1    A DC 2  ? ? "C1'" A DC 2  ? ? 143.78 120.80 22.98  1.20 N 
2 1 C2    A DC 2  ? ? N1    A DC 2  ? ? "C1'" A DC 2  ? ? 94.19  118.80 -24.61 1.10 N 
3 1 "O4'" A DC 7  ? ? "C1'" A DC 7  ? ? N1    A DC 7  ? ? 110.20 108.30 1.90   0.30 N 
4 1 "O4'" B DA 18 ? ? "C1'" B DA 18 ? ? N9    B DA 18 ? ? 122.03 108.30 13.73  0.30 N 
5 1 C4    B DA 18 ? ? N9    B DA 18 ? ? "C1'" B DA 18 ? ? 103.52 126.30 -22.78 1.80 N 
# 
loop_
_pdbx_validate_planes.id 
_pdbx_validate_planes.PDB_model_num 
_pdbx_validate_planes.auth_comp_id 
_pdbx_validate_planes.auth_asym_id 
_pdbx_validate_planes.auth_seq_id 
_pdbx_validate_planes.PDB_ins_code 
_pdbx_validate_planes.label_alt_id 
_pdbx_validate_planes.rmsd 
_pdbx_validate_planes.type 
1 1 DC A 7  ? ? 0.079 'SIDE CHAIN' 
2 1 DA B 18 ? ? 0.184 'SIDE CHAIN' 
# 
loop_
_chem_comp_atom.comp_id 
_chem_comp_atom.atom_id 
_chem_comp_atom.type_symbol 
_chem_comp_atom.pdbx_aromatic_flag 
_chem_comp_atom.pdbx_stereo_config 
_chem_comp_atom.pdbx_ordinal 
DA  OP3    O N N 1   
DA  P      P N N 2   
DA  OP1    O N N 3   
DA  OP2    O N N 4   
DA  "O5'"  O N N 5   
DA  "C5'"  C N N 6   
DA  "C4'"  C N R 7   
DA  "O4'"  O N N 8   
DA  "C3'"  C N S 9   
DA  "O3'"  O N N 10  
DA  "C2'"  C N N 11  
DA  "C1'"  C N R 12  
DA  N9     N Y N 13  
DA  C8     C Y N 14  
DA  N7     N Y N 15  
DA  C5     C Y N 16  
DA  C6     C Y N 17  
DA  N6     N N N 18  
DA  N1     N Y N 19  
DA  C2     C Y N 20  
DA  N3     N Y N 21  
DA  C4     C Y N 22  
DA  HOP3   H N N 23  
DA  HOP2   H N N 24  
DA  "H5'"  H N N 25  
DA  "H5''" H N N 26  
DA  "H4'"  H N N 27  
DA  "H3'"  H N N 28  
DA  "HO3'" H N N 29  
DA  "H2'"  H N N 30  
DA  "H2''" H N N 31  
DA  "H1'"  H N N 32  
DA  H8     H N N 33  
DA  H61    H N N 34  
DA  H62    H N N 35  
DA  H2     H N N 36  
DC  OP3    O N N 37  
DC  P      P N N 38  
DC  OP1    O N N 39  
DC  OP2    O N N 40  
DC  "O5'"  O N N 41  
DC  "C5'"  C N N 42  
DC  "C4'"  C N R 43  
DC  "O4'"  O N N 44  
DC  "C3'"  C N S 45  
DC  "O3'"  O N N 46  
DC  "C2'"  C N N 47  
DC  "C1'"  C N R 48  
DC  N1     N N N 49  
DC  C2     C N N 50  
DC  O2     O N N 51  
DC  N3     N N N 52  
DC  C4     C N N 53  
DC  N4     N N N 54  
DC  C5     C N N 55  
DC  C6     C N N 56  
DC  HOP3   H N N 57  
DC  HOP2   H N N 58  
DC  "H5'"  H N N 59  
DC  "H5''" H N N 60  
DC  "H4'"  H N N 61  
DC  "H3'"  H N N 62  
DC  "HO3'" H N N 63  
DC  "H2'"  H N N 64  
DC  "H2''" H N N 65  
DC  "H1'"  H N N 66  
DC  H41    H N N 67  
DC  H42    H N N 68  
DC  H5     H N N 69  
DC  H6     H N N 70  
DG  OP3    O N N 71  
DG  P      P N N 72  
DG  OP1    O N N 73  
DG  OP2    O N N 74  
DG  "O5'"  O N N 75  
DG  "C5'"  C N N 76  
DG  "C4'"  C N R 77  
DG  "O4'"  O N N 78  
DG  "C3'"  C N S 79  
DG  "O3'"  O N N 80  
DG  "C2'"  C N N 81  
DG  "C1'"  C N R 82  
DG  N9     N Y N 83  
DG  C8     C Y N 84  
DG  N7     N Y N 85  
DG  C5     C Y N 86  
DG  C6     C N N 87  
DG  O6     O N N 88  
DG  N1     N N N 89  
DG  C2     C N N 90  
DG  N2     N N N 91  
DG  N3     N N N 92  
DG  C4     C Y N 93  
DG  HOP3   H N N 94  
DG  HOP2   H N N 95  
DG  "H5'"  H N N 96  
DG  "H5''" H N N 97  
DG  "H4'"  H N N 98  
DG  "H3'"  H N N 99  
DG  "HO3'" H N N 100 
DG  "H2'"  H N N 101 
DG  "H2''" H N N 102 
DG  "H1'"  H N N 103 
DG  H8     H N N 104 
DG  H1     H N N 105 
DG  H21    H N N 106 
DG  H22    H N N 107 
DT  OP3    O N N 108 
DT  P      P N N 109 
DT  OP1    O N N 110 
DT  OP2    O N N 111 
DT  "O5'"  O N N 112 
DT  "C5'"  C N N 113 
DT  "C4'"  C N R 114 
DT  "O4'"  O N N 115 
DT  "C3'"  C N S 116 
DT  "O3'"  O N N 117 
DT  "C2'"  C N N 118 
DT  "C1'"  C N R 119 
DT  N1     N N N 120 
DT  C2     C N N 121 
DT  O2     O N N 122 
DT  N3     N N N 123 
DT  C4     C N N 124 
DT  O4     O N N 125 
DT  C5     C N N 126 
DT  C7     C N N 127 
DT  C6     C N N 128 
DT  HOP3   H N N 129 
DT  HOP2   H N N 130 
DT  "H5'"  H N N 131 
DT  "H5''" H N N 132 
DT  "H4'"  H N N 133 
DT  "H3'"  H N N 134 
DT  "HO3'" H N N 135 
DT  "H2'"  H N N 136 
DT  "H2''" H N N 137 
DT  "H1'"  H N N 138 
DT  H3     H N N 139 
DT  H71    H N N 140 
DT  H72    H N N 141 
DT  H73    H N N 142 
DT  H6     H N N 143 
HOH O      O N N 144 
HOH H1     H N N 145 
HOH H2     H N N 146 
# 
loop_
_chem_comp_bond.comp_id 
_chem_comp_bond.atom_id_1 
_chem_comp_bond.atom_id_2 
_chem_comp_bond.value_order 
_chem_comp_bond.pdbx_aromatic_flag 
_chem_comp_bond.pdbx_stereo_config 
_chem_comp_bond.pdbx_ordinal 
DA  OP3   P      sing N N 1   
DA  OP3   HOP3   sing N N 2   
DA  P     OP1    doub N N 3   
DA  P     OP2    sing N N 4   
DA  P     "O5'"  sing N N 5   
DA  OP2   HOP2   sing N N 6   
DA  "O5'" "C5'"  sing N N 7   
DA  "C5'" "C4'"  sing N N 8   
DA  "C5'" "H5'"  sing N N 9   
DA  "C5'" "H5''" sing N N 10  
DA  "C4'" "O4'"  sing N N 11  
DA  "C4'" "C3'"  sing N N 12  
DA  "C4'" "H4'"  sing N N 13  
DA  "O4'" "C1'"  sing N N 14  
DA  "C3'" "O3'"  sing N N 15  
DA  "C3'" "C2'"  sing N N 16  
DA  "C3'" "H3'"  sing N N 17  
DA  "O3'" "HO3'" sing N N 18  
DA  "C2'" "C1'"  sing N N 19  
DA  "C2'" "H2'"  sing N N 20  
DA  "C2'" "H2''" sing N N 21  
DA  "C1'" N9     sing N N 22  
DA  "C1'" "H1'"  sing N N 23  
DA  N9    C8     sing Y N 24  
DA  N9    C4     sing Y N 25  
DA  C8    N7     doub Y N 26  
DA  C8    H8     sing N N 27  
DA  N7    C5     sing Y N 28  
DA  C5    C6     sing Y N 29  
DA  C5    C4     doub Y N 30  
DA  C6    N6     sing N N 31  
DA  C6    N1     doub Y N 32  
DA  N6    H61    sing N N 33  
DA  N6    H62    sing N N 34  
DA  N1    C2     sing Y N 35  
DA  C2    N3     doub Y N 36  
DA  C2    H2     sing N N 37  
DA  N3    C4     sing Y N 38  
DC  OP3   P      sing N N 39  
DC  OP3   HOP3   sing N N 40  
DC  P     OP1    doub N N 41  
DC  P     OP2    sing N N 42  
DC  P     "O5'"  sing N N 43  
DC  OP2   HOP2   sing N N 44  
DC  "O5'" "C5'"  sing N N 45  
DC  "C5'" "C4'"  sing N N 46  
DC  "C5'" "H5'"  sing N N 47  
DC  "C5'" "H5''" sing N N 48  
DC  "C4'" "O4'"  sing N N 49  
DC  "C4'" "C3'"  sing N N 50  
DC  "C4'" "H4'"  sing N N 51  
DC  "O4'" "C1'"  sing N N 52  
DC  "C3'" "O3'"  sing N N 53  
DC  "C3'" "C2'"  sing N N 54  
DC  "C3'" "H3'"  sing N N 55  
DC  "O3'" "HO3'" sing N N 56  
DC  "C2'" "C1'"  sing N N 57  
DC  "C2'" "H2'"  sing N N 58  
DC  "C2'" "H2''" sing N N 59  
DC  "C1'" N1     sing N N 60  
DC  "C1'" "H1'"  sing N N 61  
DC  N1    C2     sing N N 62  
DC  N1    C6     sing N N 63  
DC  C2    O2     doub N N 64  
DC  C2    N3     sing N N 65  
DC  N3    C4     doub N N 66  
DC  C4    N4     sing N N 67  
DC  C4    C5     sing N N 68  
DC  N4    H41    sing N N 69  
DC  N4    H42    sing N N 70  
DC  C5    C6     doub N N 71  
DC  C5    H5     sing N N 72  
DC  C6    H6     sing N N 73  
DG  OP3   P      sing N N 74  
DG  OP3   HOP3   sing N N 75  
DG  P     OP1    doub N N 76  
DG  P     OP2    sing N N 77  
DG  P     "O5'"  sing N N 78  
DG  OP2   HOP2   sing N N 79  
DG  "O5'" "C5'"  sing N N 80  
DG  "C5'" "C4'"  sing N N 81  
DG  "C5'" "H5'"  sing N N 82  
DG  "C5'" "H5''" sing N N 83  
DG  "C4'" "O4'"  sing N N 84  
DG  "C4'" "C3'"  sing N N 85  
DG  "C4'" "H4'"  sing N N 86  
DG  "O4'" "C1'"  sing N N 87  
DG  "C3'" "O3'"  sing N N 88  
DG  "C3'" "C2'"  sing N N 89  
DG  "C3'" "H3'"  sing N N 90  
DG  "O3'" "HO3'" sing N N 91  
DG  "C2'" "C1'"  sing N N 92  
DG  "C2'" "H2'"  sing N N 93  
DG  "C2'" "H2''" sing N N 94  
DG  "C1'" N9     sing N N 95  
DG  "C1'" "H1'"  sing N N 96  
DG  N9    C8     sing Y N 97  
DG  N9    C4     sing Y N 98  
DG  C8    N7     doub Y N 99  
DG  C8    H8     sing N N 100 
DG  N7    C5     sing Y N 101 
DG  C5    C6     sing N N 102 
DG  C5    C4     doub Y N 103 
DG  C6    O6     doub N N 104 
DG  C6    N1     sing N N 105 
DG  N1    C2     sing N N 106 
DG  N1    H1     sing N N 107 
DG  C2    N2     sing N N 108 
DG  C2    N3     doub N N 109 
DG  N2    H21    sing N N 110 
DG  N2    H22    sing N N 111 
DG  N3    C4     sing N N 112 
DT  OP3   P      sing N N 113 
DT  OP3   HOP3   sing N N 114 
DT  P     OP1    doub N N 115 
DT  P     OP2    sing N N 116 
DT  P     "O5'"  sing N N 117 
DT  OP2   HOP2   sing N N 118 
DT  "O5'" "C5'"  sing N N 119 
DT  "C5'" "C4'"  sing N N 120 
DT  "C5'" "H5'"  sing N N 121 
DT  "C5'" "H5''" sing N N 122 
DT  "C4'" "O4'"  sing N N 123 
DT  "C4'" "C3'"  sing N N 124 
DT  "C4'" "H4'"  sing N N 125 
DT  "O4'" "C1'"  sing N N 126 
DT  "C3'" "O3'"  sing N N 127 
DT  "C3'" "C2'"  sing N N 128 
DT  "C3'" "H3'"  sing N N 129 
DT  "O3'" "HO3'" sing N N 130 
DT  "C2'" "C1'"  sing N N 131 
DT  "C2'" "H2'"  sing N N 132 
DT  "C2'" "H2''" sing N N 133 
DT  "C1'" N1     sing N N 134 
DT  "C1'" "H1'"  sing N N 135 
DT  N1    C2     sing N N 136 
DT  N1    C6     sing N N 137 
DT  C2    O2     doub N N 138 
DT  C2    N3     sing N N 139 
DT  N3    C4     sing N N 140 
DT  N3    H3     sing N N 141 
DT  C4    O4     doub N N 142 
DT  C4    C5     sing N N 143 
DT  C5    C7     sing N N 144 
DT  C5    C6     doub N N 145 
DT  C7    H71    sing N N 146 
DT  C7    H72    sing N N 147 
DT  C7    H73    sing N N 148 
DT  C6    H6     sing N N 149 
HOH O     H1     sing N N 150 
HOH O     H2     sing N N 151 
# 
loop_
_ndb_struct_conf_na.entry_id 
_ndb_struct_conf_na.feature 
1ZFE 'double helix'         
1ZFE 'mismatched base pair' 
# 
loop_
_ndb_struct_na_base_pair.model_number 
_ndb_struct_na_base_pair.i_label_asym_id 
_ndb_struct_na_base_pair.i_label_comp_id 
_ndb_struct_na_base_pair.i_label_seq_id 
_ndb_struct_na_base_pair.i_symmetry 
_ndb_struct_na_base_pair.j_label_asym_id 
_ndb_struct_na_base_pair.j_label_comp_id 
_ndb_struct_na_base_pair.j_label_seq_id 
_ndb_struct_na_base_pair.j_symmetry 
_ndb_struct_na_base_pair.shear 
_ndb_struct_na_base_pair.stretch 
_ndb_struct_na_base_pair.stagger 
_ndb_struct_na_base_pair.buckle 
_ndb_struct_na_base_pair.propeller 
_ndb_struct_na_base_pair.opening 
_ndb_struct_na_base_pair.pair_number 
_ndb_struct_na_base_pair.pair_name 
_ndb_struct_na_base_pair.i_auth_asym_id 
_ndb_struct_na_base_pair.i_auth_seq_id 
_ndb_struct_na_base_pair.i_PDB_ins_code 
_ndb_struct_na_base_pair.j_auth_asym_id 
_ndb_struct_na_base_pair.j_auth_seq_id 
_ndb_struct_na_base_pair.j_PDB_ins_code 
_ndb_struct_na_base_pair.hbond_type_28 
_ndb_struct_na_base_pair.hbond_type_12 
1 A DC 1  1_555 B DG 10 1_555 0.943  -0.073 -0.322 -7.984  -17.586 3.795  1 A_DC1:DG20_B  A 1  ? B 20 ? 19 1 
1 A DC 2  1_555 B DG 9  1_555 -0.887 0.268  0.378  3.836   -12.771 3.056  2 A_DC2:DG19_B  A 2  ? B 19 ? 19 1 
1 A DG 4  1_555 B DC 7  1_555 1.148  -0.219 -0.159 -11.695 -27.987 -2.850 3 A_DG4:DC17_B  A 4  ? B 17 ? 19 1 
1 A DC 5  1_555 B DG 6  1_555 -1.323 -0.446 0.069  -6.604  -6.607  -8.164 4 A_DC5:DG16_B  A 5  ? B 16 ? 19 1 
1 A DC 7  1_555 B DG 4  1_555 -0.264 0.043  0.233  -5.275  12.032  -7.407 5 A_DC7:DG14_B  A 7  ? B 14 ? 19 1 
1 A DA 8  1_555 B DT 3  1_555 0.039  -0.154 1.081  13.332  -8.187  2.712  6 A_DA8:DT13_B  A 8  ? B 13 ? 20 1 
1 A DG 9  1_555 B DC 2  1_555 -0.488 -0.504 -0.646 -11.034 -11.610 3.584  7 A_DG9:DC12_B  A 9  ? B 12 ? 19 1 
1 A DG 10 1_555 B DC 1  1_555 -0.885 -0.777 0.045  0.660   -22.844 -0.225 8 A_DG10:DC11_B A 10 ? B 11 ? 19 1 
# 
loop_
_ndb_struct_na_base_pair_step.model_number 
_ndb_struct_na_base_pair_step.i_label_asym_id_1 
_ndb_struct_na_base_pair_step.i_label_comp_id_1 
_ndb_struct_na_base_pair_step.i_label_seq_id_1 
_ndb_struct_na_base_pair_step.i_symmetry_1 
_ndb_struct_na_base_pair_step.j_label_asym_id_1 
_ndb_struct_na_base_pair_step.j_label_comp_id_1 
_ndb_struct_na_base_pair_step.j_label_seq_id_1 
_ndb_struct_na_base_pair_step.j_symmetry_1 
_ndb_struct_na_base_pair_step.i_label_asym_id_2 
_ndb_struct_na_base_pair_step.i_label_comp_id_2 
_ndb_struct_na_base_pair_step.i_label_seq_id_2 
_ndb_struct_na_base_pair_step.i_symmetry_2 
_ndb_struct_na_base_pair_step.j_label_asym_id_2 
_ndb_struct_na_base_pair_step.j_label_comp_id_2 
_ndb_struct_na_base_pair_step.j_label_seq_id_2 
_ndb_struct_na_base_pair_step.j_symmetry_2 
_ndb_struct_na_base_pair_step.shift 
_ndb_struct_na_base_pair_step.slide 
_ndb_struct_na_base_pair_step.rise 
_ndb_struct_na_base_pair_step.tilt 
_ndb_struct_na_base_pair_step.roll 
_ndb_struct_na_base_pair_step.twist 
_ndb_struct_na_base_pair_step.x_displacement 
_ndb_struct_na_base_pair_step.y_displacement 
_ndb_struct_na_base_pair_step.helical_rise 
_ndb_struct_na_base_pair_step.inclination 
_ndb_struct_na_base_pair_step.tip 
_ndb_struct_na_base_pair_step.helical_twist 
_ndb_struct_na_base_pair_step.step_number 
_ndb_struct_na_base_pair_step.step_name 
_ndb_struct_na_base_pair_step.i_auth_asym_id_1 
_ndb_struct_na_base_pair_step.i_auth_seq_id_1 
_ndb_struct_na_base_pair_step.i_PDB_ins_code_1 
_ndb_struct_na_base_pair_step.j_auth_asym_id_1 
_ndb_struct_na_base_pair_step.j_auth_seq_id_1 
_ndb_struct_na_base_pair_step.j_PDB_ins_code_1 
_ndb_struct_na_base_pair_step.i_auth_asym_id_2 
_ndb_struct_na_base_pair_step.i_auth_seq_id_2 
_ndb_struct_na_base_pair_step.i_PDB_ins_code_2 
_ndb_struct_na_base_pair_step.j_auth_asym_id_2 
_ndb_struct_na_base_pair_step.j_auth_seq_id_2 
_ndb_struct_na_base_pair_step.j_PDB_ins_code_2 
1 A DC 1 1_555 B DG 10 1_555 A DC 2  1_555 B DG 9 1_555 1.254  1.938  2.993 5.798   -3.549  29.518 4.370  -1.326 2.932 -6.852  
-11.194 30.273 1 AA_DC1DC2:DG19DG20_BB  A 1 ? B 20 ? A 2  ? B 19 ? 
1 A DG 4 1_555 B DC 7  1_555 A DC 5  1_555 B DG 6 1_555 0.189  0.096  2.867 -0.258  -3.307  24.855 1.075  -0.501 2.828 -7.641  
0.596   25.071 2 AA_DG4DC5:DG16DC17_BB  A 4 ? B 17 ? A 5  ? B 16 ? 
1 A DC 5 1_555 B DG 6  1_555 A DC 7  1_555 B DG 4 1_555 1.459  -1.307 6.202 -7.269  19.593  59.632 -2.863 -1.996 5.391 19.080  
7.078   62.869 3 AA_DC5DC7:DG14DG16_BB  A 5 ? B 16 ? A 7  ? B 14 ? 
1 A DC 7 1_555 B DG 4  1_555 A DA 8  1_555 B DT 3 1_555 -0.040 1.860  3.274 5.116   -17.040 52.601 2.927  0.321  2.589 -18.635 
-5.594  55.325 4 AA_DC7DA8:DT13DG14_BB  A 7 ? B 14 ? A 8  ? B 13 ? 
1 A DA 8 1_555 B DT 3  1_555 A DG 9  1_555 B DC 2 1_555 -0.233 2.518  4.298 9.250   8.419   37.502 2.348  1.863  4.557 12.671  
-13.922 39.462 5 AA_DA8DG9:DC12DT13_BB  A 8 ? B 13 ? A 9  ? B 12 ? 
1 A DG 9 1_555 B DC 2  1_555 A DG 10 1_555 B DC 1 1_555 -1.473 1.981  2.860 -19.458 -2.123  37.694 2.955  0.105  3.117 -3.048  
27.935  42.308 6 AA_DG9DG10:DC11DC12_BB A 9 ? B 12 ? A 10 ? B 11 ? 
# 
_pdbx_initial_refinement_model.accession_code   1DCV 
_pdbx_initial_refinement_model.id               1 
_pdbx_initial_refinement_model.entity_id_list   ? 
_pdbx_initial_refinement_model.type             'experimental model' 
_pdbx_initial_refinement_model.source_name      PDB 
_pdbx_initial_refinement_model.details          'NDB ENTRY BD0028' 
# 
_atom_sites.entry_id                    1ZFE 
_atom_sites.fract_transf_matrix[1][1]   0.01213107 
_atom_sites.fract_transf_matrix[1][2]   0.00955419 
_atom_sites.fract_transf_matrix[1][3]   0.01167215 
_atom_sites.fract_transf_matrix[2][1]   -0.02496696 
_atom_sites.fract_transf_matrix[2][2]   0.03370861 
_atom_sites.fract_transf_matrix[2][3]   -0.00164344 
_atom_sites.fract_transf_matrix[3][1]   -0.00099351 
_atom_sites.fract_transf_matrix[3][2]   0.00057170 
_atom_sites.fract_transf_matrix[3][3]   0.02681952 
_atom_sites.fract_transf_vector[1]      0.638739 
_atom_sites.fract_transf_vector[2]      -0.053580 
_atom_sites.fract_transf_vector[3]      0.229381 
# 
loop_
_atom_type.symbol 
C 
N 
O 
P 
# 
loop_
_atom_site.group_PDB 
_atom_site.id 
_atom_site.type_symbol 
_atom_site.label_atom_id 
_atom_site.label_alt_id 
_atom_site.label_comp_id 
_atom_site.label_asym_id 
_atom_site.label_entity_id 
_atom_site.label_seq_id 
_atom_site.pdbx_PDB_ins_code 
_atom_site.Cartn_x 
_atom_site.Cartn_y 
_atom_site.Cartn_z 
_atom_site.occupancy 
_atom_site.B_iso_or_equiv 
_atom_site.pdbx_formal_charge 
_atom_site.auth_seq_id 
_atom_site.auth_comp_id 
_atom_site.auth_asym_id 
_atom_site.auth_atom_id 
_atom_site.pdbx_PDB_model_num 
ATOM   1   O "O5'" . DC  A 1 1  ? 7.100   11.264  8.416   1.00 27.62 ? 1  DC  A "O5'" 1 
ATOM   2   C "C5'" . DC  A 1 1  ? 8.220   11.845  7.733   1.00 31.35 ? 1  DC  A "C5'" 1 
ATOM   3   C "C4'" . DC  A 1 1  ? 7.829   13.161  7.102   1.00 32.29 ? 1  DC  A "C4'" 1 
ATOM   4   O "O4'" . DC  A 1 1  ? 8.827   13.515  6.110   1.00 32.87 ? 1  DC  A "O4'" 1 
ATOM   5   C "C3'" . DC  A 1 1  ? 6.496   13.087  6.362   1.00 34.41 ? 1  DC  A "C3'" 1 
ATOM   6   O "O3'" . DC  A 1 1  ? 5.724   14.286  6.538   1.00 42.40 ? 1  DC  A "O3'" 1 
ATOM   7   C "C2'" . DC  A 1 1  ? 6.902   12.860  4.916   1.00 33.14 ? 1  DC  A "C2'" 1 
ATOM   8   C "C1'" . DC  A 1 1  ? 8.275   13.506  4.801   1.00 18.83 ? 1  DC  A "C1'" 1 
ATOM   9   N N1    . DC  A 1 1  ? 9.214   12.778  3.924   1.00 5.30  ? 1  DC  A N1    1 
ATOM   10  C C2    . DC  A 1 1  ? 9.009   12.810  2.544   1.00 5.11  ? 1  DC  A C2    1 
ATOM   11  O O2    . DC  A 1 1  ? 8.016   13.397  2.102   1.00 11.73 ? 1  DC  A O2    1 
ATOM   12  N N3    . DC  A 1 1  ? 9.897   12.205  1.724   1.00 7.77  ? 1  DC  A N3    1 
ATOM   13  C C4    . DC  A 1 1  ? 10.956  11.575  2.238   1.00 11.36 ? 1  DC  A C4    1 
ATOM   14  N N4    . DC  A 1 1  ? 11.835  11.031  1.383   1.00 8.83  ? 1  DC  A N4    1 
ATOM   15  C C5    . DC  A 1 1  ? 11.170  11.489  3.652   1.00 1.00  ? 1  DC  A C5    1 
ATOM   16  C C6    . DC  A 1 1  ? 10.280  12.101  4.447   1.00 7.21  ? 1  DC  A C6    1 
ATOM   17  P P     . DC  A 1 2  ? 4.173   14.176  6.974   1.00 40.61 ? 2  DC  A P     1 
ATOM   18  O OP1   . DC  A 1 2  ? 3.783   15.415  7.702   1.00 40.05 ? 2  DC  A OP1   1 
ATOM   19  O OP2   . DC  A 1 2  ? 3.967   12.847  7.616   1.00 36.31 ? 2  DC  A OP2   1 
ATOM   20  O "O5'" . DC  A 1 2  ? 3.384   14.191  5.592   1.00 44.76 ? 2  DC  A "O5'" 1 
ATOM   21  C "C5'" . DC  A 1 2  ? 4.044   13.853  4.375   1.00 37.19 ? 2  DC  A "C5'" 1 
ATOM   22  C "C4'" . DC  A 1 2  ? 3.395   12.637  3.766   1.00 34.88 ? 2  DC  A "C4'" 1 
ATOM   23  O "O4'" . DC  A 1 2  ? 4.418   11.655  3.472   1.00 31.78 ? 2  DC  A "O4'" 1 
ATOM   24  C "C3'" . DC  A 1 2  ? 2.396   11.951  4.696   1.00 33.31 ? 2  DC  A "C3'" 1 
ATOM   25  O "O3'" . DC  A 1 2  ? 1.249   11.535  3.952   1.00 36.56 ? 2  DC  A "O3'" 1 
ATOM   26  C "C2'" . DC  A 1 2  ? 3.172   10.768  5.252   1.00 28.44 ? 2  DC  A "C2'" 1 
ATOM   27  C "C1'" . DC  A 1 2  ? 4.125   10.423  4.116   1.00 27.55 ? 2  DC  A "C1'" 1 
ATOM   28  N N1    . DC  A 1 2  ? 5.404   9.833   4.556   1.00 22.83 ? 2  DC  A N1    1 
ATOM   29  C C2    . DC  A 1 2  ? 5.950   9.805   3.270   1.00 19.68 ? 2  DC  A C2    1 
ATOM   30  O O2    . DC  A 1 2  ? 5.338   10.356  2.353   1.00 18.50 ? 2  DC  A O2    1 
ATOM   31  N N3    . DC  A 1 2  ? 7.121   9.169   3.059   1.00 17.44 ? 2  DC  A N3    1 
ATOM   32  C C4    . DC  A 1 2  ? 7.734   8.554   4.074   1.00 20.58 ? 2  DC  A C4    1 
ATOM   33  N N4    . DC  A 1 2  ? 8.914   7.980   3.839   1.00 21.88 ? 2  DC  A N4    1 
ATOM   34  C C5    . DC  A 1 2  ? 7.171   8.512   5.380   1.00 17.49 ? 2  DC  A C5    1 
ATOM   35  C C6    . DC  A 1 2  ? 6.016   9.164   5.578   1.00 19.39 ? 2  DC  A C6    1 
ATOM   36  P P     . DT  A 1 3  ? -0.230  11.853  4.509   1.00 35.79 ? 3  DT  A P     1 
ATOM   37  O OP1   . DT  A 1 3  ? -0.359  13.312  4.760   1.00 33.08 ? 3  DT  A OP1   1 
ATOM   38  O OP2   . DT  A 1 3  ? -0.526  10.897  5.599   1.00 28.38 ? 3  DT  A OP2   1 
ATOM   39  O "O5'" . DT  A 1 3  ? -1.159  11.497  3.264   1.00 38.23 ? 3  DT  A "O5'" 1 
ATOM   40  C "C5'" . DT  A 1 3  ? -1.031  12.205  2.036   1.00 41.67 ? 3  DT  A "C5'" 1 
ATOM   41  C "C4'" . DT  A 1 3  ? -0.986  11.236  0.876   1.00 42.38 ? 3  DT  A "C4'" 1 
ATOM   42  O "O4'" . DT  A 1 3  ? 0.281   10.528  0.821   1.00 40.76 ? 3  DT  A "O4'" 1 
ATOM   43  C "C3'" . DT  A 1 3  ? -2.071  10.156  0.886   1.00 39.32 ? 3  DT  A "C3'" 1 
ATOM   44  O "O3'" . DT  A 1 3  ? -2.457  9.912   -0.464  1.00 40.15 ? 3  DT  A "O3'" 1 
ATOM   45  C "C2'" . DT  A 1 3  ? -1.323  8.938   1.399   1.00 37.65 ? 3  DT  A "C2'" 1 
ATOM   46  C "C1'" . DT  A 1 3  ? 0.024   9.138   0.717   1.00 35.06 ? 3  DT  A "C1'" 1 
ATOM   47  N N1    . DT  A 1 3  ? 1.180   8.404   1.279   1.00 31.68 ? 3  DT  A N1    1 
ATOM   48  C C2    . DT  A 1 3  ? 2.276   8.351   0.444   1.00 29.26 ? 3  DT  A C2    1 
ATOM   49  O O2    . DT  A 1 3  ? 2.292   8.851   -0.671  1.00 31.66 ? 3  DT  A O2    1 
ATOM   50  N N3    . DT  A 1 3  ? 3.365   7.695   0.964   1.00 24.84 ? 3  DT  A N3    1 
ATOM   51  C C4    . DT  A 1 3  ? 3.477   7.111   2.205   1.00 25.44 ? 3  DT  A C4    1 
ATOM   52  O O4    . DT  A 1 3  ? 4.528   6.562   2.527   1.00 23.74 ? 3  DT  A O4    1 
ATOM   53  C C5    . DT  A 1 3  ? 2.294   7.212   3.044   1.00 27.13 ? 3  DT  A C5    1 
ATOM   54  C C7    . DT  A 1 3  ? 2.327   6.615   4.414   1.00 20.90 ? 3  DT  A C7    1 
ATOM   55  C C6    . DT  A 1 3  ? 1.215   7.840   2.542   1.00 30.93 ? 3  DT  A C6    1 
ATOM   56  P P     . DG  A 1 4  ? -3.990  10.082  -0.912  1.00 40.48 ? 4  DG  A P     1 
ATOM   57  O OP1   . DG  A 1 4  ? -4.511  11.372  -0.386  1.00 36.57 ? 4  DG  A OP1   1 
ATOM   58  O OP2   . DG  A 1 4  ? -4.703  8.821   -0.584  1.00 33.94 ? 4  DG  A OP2   1 
ATOM   59  O "O5'" . DG  A 1 4  ? -3.867  10.181  -2.499  1.00 34.90 ? 4  DG  A "O5'" 1 
ATOM   60  C "C5'" . DG  A 1 4  ? -2.774  10.867  -3.108  1.00 34.10 ? 4  DG  A "C5'" 1 
ATOM   61  C "C4'" . DG  A 1 4  ? -1.929  9.914   -3.927  1.00 34.48 ? 4  DG  A "C4'" 1 
ATOM   62  O "O4'" . DG  A 1 4  ? -1.095  9.079   -3.084  1.00 29.25 ? 4  DG  A "O4'" 1 
ATOM   63  C "C3'" . DG  A 1 4  ? -2.690  8.960   -4.846  1.00 32.88 ? 4  DG  A "C3'" 1 
ATOM   64  O "O3'" . DG  A 1 4  ? -2.034  8.871   -6.114  1.00 34.01 ? 4  DG  A "O3'" 1 
ATOM   65  C "C2'" . DG  A 1 4  ? -2.634  7.632   -4.112  1.00 27.47 ? 4  DG  A "C2'" 1 
ATOM   66  C "C1'" . DG  A 1 4  ? -1.322  7.701   -3.346  1.00 23.30 ? 4  DG  A "C1'" 1 
ATOM   67  N N9    . DG  A 1 4  ? -1.390  7.030   -2.055  1.00 17.13 ? 4  DG  A N9    1 
ATOM   68  C C8    . DG  A 1 4  ? -2.471  7.017   -1.210  1.00 21.73 ? 4  DG  A C8    1 
ATOM   69  N N7    . DG  A 1 4  ? -2.247  6.382   -0.096  1.00 16.82 ? 4  DG  A N7    1 
ATOM   70  C C5    . DG  A 1 4  ? -0.937  5.941   -0.210  1.00 17.43 ? 4  DG  A C5    1 
ATOM   71  C C6    . DG  A 1 4  ? -0.141  5.206   0.701   1.00 19.25 ? 4  DG  A C6    1 
ATOM   72  O O6    . DG  A 1 4  ? -0.433  4.817   1.837   1.00 11.37 ? 4  DG  A O6    1 
ATOM   73  N N1    . DG  A 1 4  ? 1.122   4.941   0.177   1.00 20.01 ? 4  DG  A N1    1 
ATOM   74  C C2    . DG  A 1 4  ? 1.564   5.349   -1.057  1.00 16.03 ? 4  DG  A C2    1 
ATOM   75  N N2    . DG  A 1 4  ? 2.818   4.987   -1.379  1.00 11.43 ? 4  DG  A N2    1 
ATOM   76  N N3    . DG  A 1 4  ? 0.833   6.059   -1.910  1.00 14.00 ? 4  DG  A N3    1 
ATOM   77  C C4    . DG  A 1 4  ? -0.398  6.315   -1.424  1.00 15.74 ? 4  DG  A C4    1 
ATOM   78  P P     . DC  A 1 5  ? -2.647  7.926   -7.257  1.00 42.92 ? 5  DC  A P     1 
ATOM   79  O OP1   . DC  A 1 5  ? -2.341  8.543   -8.580  1.00 36.29 ? 5  DC  A OP1   1 
ATOM   80  O OP2   . DC  A 1 5  ? -4.059  7.608   -6.897  1.00 44.09 ? 5  DC  A OP2   1 
ATOM   81  O "O5'" . DC  A 1 5  ? -1.778  6.599   -7.129  1.00 39.03 ? 5  DC  A "O5'" 1 
ATOM   82  C "C5'" . DC  A 1 5  ? -0.385  6.634   -7.452  1.00 40.25 ? 5  DC  A "C5'" 1 
ATOM   83  C "C4'" . DC  A 1 5  ? 0.213   5.251   -7.356  1.00 37.90 ? 5  DC  A "C4'" 1 
ATOM   84  O "O4'" . DC  A 1 5  ? 0.417   4.871   -5.965  1.00 35.33 ? 5  DC  A "O4'" 1 
ATOM   85  C "C3'" . DC  A 1 5  ? -0.680  4.169   -7.972  1.00 36.38 ? 5  DC  A "C3'" 1 
ATOM   86  O "O3'" . DC  A 1 5  ? 0.085   3.301   -8.806  1.00 31.51 ? 5  DC  A "O3'" 1 
ATOM   87  C "C2'" . DC  A 1 5  ? -1.211  3.422   -6.765  1.00 28.84 ? 5  DC  A "C2'" 1 
ATOM   88  C "C1'" . DC  A 1 5  ? -0.076  3.562   -5.770  1.00 22.73 ? 5  DC  A "C1'" 1 
ATOM   89  N N1    . DC  A 1 5  ? -0.529  3.428   -4.379  1.00 22.77 ? 5  DC  A N1    1 
ATOM   90  C C2    . DC  A 1 5  ? 0.325   2.842   -3.429  1.00 19.43 ? 5  DC  A C2    1 
ATOM   91  O O2    . DC  A 1 5  ? 1.487   2.542   -3.755  1.00 23.77 ? 5  DC  A O2    1 
ATOM   92  N N3    . DC  A 1 5  ? -0.141  2.620   -2.179  1.00 17.40 ? 5  DC  A N3    1 
ATOM   93  C C4    . DC  A 1 5  ? -1.389  2.965   -1.854  1.00 14.47 ? 5  DC  A C4    1 
ATOM   94  N N4    . DC  A 1 5  ? -1.822  2.678   -0.629  1.00 9.58  ? 5  DC  A N4    1 
ATOM   95  C C5    . DC  A 1 5  ? -2.254  3.608   -2.777  1.00 21.06 ? 5  DC  A C5    1 
ATOM   96  C C6    . DC  A 1 5  ? -1.789  3.825   -4.017  1.00 22.65 ? 5  DC  A C6    1 
ATOM   97  P P     . DG  A 1 6  ? -0.532  1.895   -9.269  1.00 32.50 ? 6  DG  A P     1 
ATOM   98  O OP1   . DG  A 1 6  ? -0.529  1.942   -10.763 1.00 44.37 ? 6  DG  A OP1   1 
ATOM   99  O OP2   . DG  A 1 6  ? -1.795  1.576   -8.550  1.00 33.04 ? 6  DG  A OP2   1 
ATOM   100 O "O5'" . DG  A 1 6  ? 0.576   0.862   -8.787  1.00 32.14 ? 6  DG  A "O5'" 1 
ATOM   101 C "C5'" . DG  A 1 6  ? 1.909   1.301   -8.502  1.00 24.03 ? 6  DG  A "C5'" 1 
ATOM   102 C "C4'" . DG  A 1 6  ? 2.581   0.321   -7.570  1.00 27.71 ? 6  DG  A "C4'" 1 
ATOM   103 O "O4'" . DG  A 1 6  ? 2.130   0.553   -6.206  1.00 26.49 ? 6  DG  A "O4'" 1 
ATOM   104 C "C3'" . DG  A 1 6  ? 2.224   -1.126  -7.907  1.00 21.93 ? 6  DG  A "C3'" 1 
ATOM   105 O "O3'" . DG  A 1 6  ? 3.362   -1.993  -7.897  1.00 25.12 ? 6  DG  A "O3'" 1 
ATOM   106 C "C2'" . DG  A 1 6  ? 1.217   -1.506  -6.830  1.00 28.42 ? 6  DG  A "C2'" 1 
ATOM   107 C "C1'" . DG  A 1 6  ? 1.610   -0.647  -5.646  1.00 25.67 ? 6  DG  A "C1'" 1 
ATOM   108 N N9    . DG  A 1 6  ? 0.464   -0.299  -4.809  1.00 28.02 ? 6  DG  A N9    1 
ATOM   109 C C8    . DG  A 1 6  ? -0.621  0.453   -5.184  1.00 28.08 ? 6  DG  A C8    1 
ATOM   110 N N7    . DG  A 1 6  ? -1.514  0.582   -4.237  1.00 22.57 ? 6  DG  A N7    1 
ATOM   111 C C5    . DG  A 1 6  ? -0.983  -0.118  -3.164  1.00 20.58 ? 6  DG  A C5    1 
ATOM   112 C C6    . DG  A 1 6  ? -1.505  -0.332  -1.858  1.00 22.29 ? 6  DG  A C6    1 
ATOM   113 O O6    . DG  A 1 6  ? -2.561  0.097   -1.366  1.00 22.23 ? 6  DG  A O6    1 
ATOM   114 N N1    . DG  A 1 6  ? -0.659  -1.128  -1.096  1.00 22.05 ? 6  DG  A N1    1 
ATOM   115 C C2    . DG  A 1 6  ? 0.540   -1.639  -1.523  1.00 23.96 ? 6  DG  A C2    1 
ATOM   116 N N2    . DG  A 1 6  ? 1.205   -2.391  -0.630  1.00 25.01 ? 6  DG  A N2    1 
ATOM   117 N N3    . DG  A 1 6  ? 1.050   -1.432  -2.733  1.00 25.48 ? 6  DG  A N3    1 
ATOM   118 C C4    . DG  A 1 6  ? 0.238   -0.671  -3.497  1.00 25.44 ? 6  DG  A C4    1 
ATOM   119 P P     . DC  A 1 7  ? 3.156   -3.565  -8.184  1.00 26.23 ? 7  DC  A P     1 
ATOM   120 O OP1   . DC  A 1 7  ? 3.925   -4.330  -7.166  1.00 27.08 ? 7  DC  A OP1   1 
ATOM   121 O OP2   . DC  A 1 7  ? 3.389   -3.832  -9.615  1.00 20.01 ? 7  DC  A OP2   1 
ATOM   122 O "O5'" . DC  A 1 7  ? 1.604   -3.766  -7.880  1.00 28.61 ? 7  DC  A "O5'" 1 
ATOM   123 C "C5'" . DC  A 1 7  ? 1.112   -4.978  -7.329  1.00 24.38 ? 7  DC  A "C5'" 1 
ATOM   124 C "C4'" . DC  A 1 7  ? 1.157   -4.926  -5.822  1.00 20.78 ? 7  DC  A "C4'" 1 
ATOM   125 O "O4'" . DC  A 1 7  ? 0.236   -3.927  -5.309  1.00 24.45 ? 7  DC  A "O4'" 1 
ATOM   126 C "C3'" . DC  A 1 7  ? 0.757   -6.248  -5.153  1.00 21.28 ? 7  DC  A "C3'" 1 
ATOM   127 O "O3'" . DC  A 1 7  ? 1.635   -6.529  -4.072  1.00 18.14 ? 7  DC  A "O3'" 1 
ATOM   128 C "C2'" . DC  A 1 7  ? -0.612  -5.959  -4.575  1.00 14.95 ? 7  DC  A "C2'" 1 
ATOM   129 C "C1'" . DC  A 1 7  ? -0.421  -4.510  -4.198  1.00 23.26 ? 7  DC  A "C1'" 1 
ATOM   130 N N1    . DC  A 1 7  ? -1.662  -3.781  -3.903  1.00 23.83 ? 7  DC  A N1    1 
ATOM   131 C C2    . DC  A 1 7  ? -2.159  -3.987  -2.621  1.00 20.33 ? 7  DC  A C2    1 
ATOM   132 O O2    . DC  A 1 7  ? -1.685  -4.907  -1.956  1.00 14.50 ? 7  DC  A O2    1 
ATOM   133 N N3    . DC  A 1 7  ? -3.137  -3.191  -2.141  1.00 21.79 ? 7  DC  A N3    1 
ATOM   134 C C4    . DC  A 1 7  ? -3.621  -2.208  -2.897  1.00 21.17 ? 7  DC  A C4    1 
ATOM   135 N N4    . DC  A 1 7  ? -4.569  -1.432  -2.363  1.00 18.54 ? 7  DC  A N4    1 
ATOM   136 C C5    . DC  A 1 7  ? -3.148  -1.976  -4.230  1.00 25.38 ? 7  DC  A C5    1 
ATOM   137 C C6    . DC  A 1 7  ? -2.173  -2.784  -4.690  1.00 24.48 ? 7  DC  A C6    1 
ATOM   138 P P     . DA  A 1 8  ? 1.855   -8.048  -3.607  1.00 35.12 ? 8  DA  A P     1 
ATOM   139 O OP1   . DA  A 1 8  ? 3.330   -8.269  -3.641  1.00 30.69 ? 8  DA  A OP1   1 
ATOM   140 O OP2   . DA  A 1 8  ? 0.950   -8.947  -4.383  1.00 17.80 ? 8  DA  A OP2   1 
ATOM   141 O "O5'" . DA  A 1 8  ? 1.361   -8.074  -2.094  1.00 26.40 ? 8  DA  A "O5'" 1 
ATOM   142 C "C5'" . DA  A 1 8  ? 2.121   -8.719  -1.083  1.00 36.75 ? 8  DA  A "C5'" 1 
ATOM   143 C "C4'" . DA  A 1 8  ? 1.207   -9.513  -0.179  1.00 46.99 ? 8  DA  A "C4'" 1 
ATOM   144 O "O4'" . DA  A 1 8  ? -0.148  -9.008  -0.307  1.00 49.02 ? 8  DA  A "O4'" 1 
ATOM   145 C "C3'" . DA  A 1 8  ? 1.117   -11.004 -0.500  1.00 46.74 ? 8  DA  A "C3'" 1 
ATOM   146 O "O3'" . DA  A 1 8  ? 0.908   -11.716 0.719   1.00 48.30 ? 8  DA  A "O3'" 1 
ATOM   147 C "C2'" . DA  A 1 8  ? -0.121  -11.099 -1.370  1.00 46.69 ? 8  DA  A "C2'" 1 
ATOM   148 C "C1'" . DA  A 1 8  ? -1.020  -10.044 -0.754  1.00 47.08 ? 8  DA  A "C1'" 1 
ATOM   149 N N9    . DA  A 1 8  ? -1.966  -9.449  -1.696  1.00 46.07 ? 8  DA  A N9    1 
ATOM   150 C C8    . DA  A 1 8  ? -2.012  -9.598  -3.063  1.00 44.37 ? 8  DA  A C8    1 
ATOM   151 N N7    . DA  A 1 8  ? -2.952  -8.889  -3.640  1.00 44.73 ? 8  DA  A N7    1 
ATOM   152 C C5    . DA  A 1 8  ? -3.575  -8.238  -2.583  1.00 44.45 ? 8  DA  A C5    1 
ATOM   153 C C6    . DA  A 1 8  ? -4.638  -7.318  -2.530  1.00 41.86 ? 8  DA  A C6    1 
ATOM   154 N N6    . DA  A 1 8  ? -5.282  -6.866  -3.609  1.00 37.89 ? 8  DA  A N6    1 
ATOM   155 N N1    . DA  A 1 8  ? -5.015  -6.864  -1.314  1.00 41.43 ? 8  DA  A N1    1 
ATOM   156 C C2    . DA  A 1 8  ? -4.358  -7.305  -0.232  1.00 40.49 ? 8  DA  A C2    1 
ATOM   157 N N3    . DA  A 1 8  ? -3.339  -8.158  -0.154  1.00 42.80 ? 8  DA  A N3    1 
ATOM   158 C C4    . DA  A 1 8  ? -2.988  -8.590  -1.378  1.00 45.08 ? 8  DA  A C4    1 
ATOM   159 P P     . DG  A 1 9  ? 0.998   -13.316 0.735   1.00 41.66 ? 9  DG  A P     1 
ATOM   160 O OP1   . DG  A 1 9  ? 2.429   -13.670 0.899   1.00 42.57 ? 9  DG  A OP1   1 
ATOM   161 O OP2   . DG  A 1 9  ? 0.253   -13.826 -0.438  1.00 39.79 ? 9  DG  A OP2   1 
ATOM   162 O "O5'" . DG  A 1 9  ? 0.207   -13.710 2.063   1.00 38.76 ? 9  DG  A "O5'" 1 
ATOM   163 C "C5'" . DG  A 1 9  ? 0.256   -12.879 3.231   1.00 32.99 ? 9  DG  A "C5'" 1 
ATOM   164 C "C4'" . DG  A 1 9  ? -1.076  -12.900 3.950   1.00 31.44 ? 9  DG  A "C4'" 1 
ATOM   165 O "O4'" . DG  A 1 9  ? -2.084  -12.280 3.121   1.00 27.58 ? 9  DG  A "O4'" 1 
ATOM   166 C "C3'" . DG  A 1 9  ? -1.624  -14.285 4.282   1.00 30.68 ? 9  DG  A "C3'" 1 
ATOM   167 O "O3'" . DG  A 1 9  ? -2.545  -14.189 5.375   1.00 38.01 ? 9  DG  A "O3'" 1 
ATOM   168 C "C2'" . DG  A 1 9  ? -2.431  -14.610 3.043   1.00 32.71 ? 9  DG  A "C2'" 1 
ATOM   169 C "C1'" . DG  A 1 9  ? -3.030  -13.249 2.702   1.00 29.79 ? 9  DG  A "C1'" 1 
ATOM   170 N N9    . DG  A 1 9  ? -3.262  -13.031 1.279   1.00 29.06 ? 9  DG  A N9    1 
ATOM   171 C C8    . DG  A 1 9  ? -2.569  -13.584 0.233   1.00 27.62 ? 9  DG  A C8    1 
ATOM   172 N N7    . DG  A 1 9  ? -2.987  -13.174 -0.932  1.00 32.90 ? 9  DG  A N7    1 
ATOM   173 C C5    . DG  A 1 9  ? -4.024  -12.302 -0.635  1.00 29.76 ? 9  DG  A C5    1 
ATOM   174 C C6    . DG  A 1 9  ? -4.853  -11.547 -1.492  1.00 32.41 ? 9  DG  A C6    1 
ATOM   175 O O6    . DG  A 1 9  ? -4.835  -11.496 -2.730  1.00 31.04 ? 9  DG  A O6    1 
ATOM   176 N N1    . DG  A 1 9  ? -5.776  -10.793 -0.773  1.00 30.40 ? 9  DG  A N1    1 
ATOM   177 C C2    . DG  A 1 9  ? -5.881  -10.766 0.594   1.00 23.70 ? 9  DG  A C2    1 
ATOM   178 N N2    . DG  A 1 9  ? -6.818  -9.957  1.100   1.00 22.67 ? 9  DG  A N2    1 
ATOM   179 N N3    . DG  A 1 9  ? -5.116  -11.473 1.403   1.00 22.47 ? 9  DG  A N3    1 
ATOM   180 C C4    . DG  A 1 9  ? -4.212  -12.210 0.724   1.00 26.80 ? 9  DG  A C4    1 
ATOM   181 P P     . DG  A 1 10 ? -2.035  -13.704 6.823   1.00 42.62 ? 10 DG  A P     1 
ATOM   182 O OP1   . DG  A 1 10 ? -1.525  -12.317 6.658   1.00 43.60 ? 10 DG  A OP1   1 
ATOM   183 O OP2   . DG  A 1 10 ? -1.143  -14.753 7.388   1.00 34.07 ? 10 DG  A OP2   1 
ATOM   184 O "O5'" . DG  A 1 10 ? -3.378  -13.623 7.683   1.00 32.98 ? 10 DG  A "O5'" 1 
ATOM   185 C "C5'" . DG  A 1 10 ? -3.839  -12.372 8.185   1.00 32.95 ? 10 DG  A "C5'" 1 
ATOM   186 C "C4'" . DG  A 1 10 ? -5.314  -12.175 7.903   1.00 34.34 ? 10 DG  A "C4'" 1 
ATOM   187 O "O4'" . DG  A 1 10 ? -5.586  -12.120 6.478   1.00 29.22 ? 10 DG  A "O4'" 1 
ATOM   188 C "C3'" . DG  A 1 10 ? -6.281  -13.208 8.488   1.00 31.99 ? 10 DG  A "C3'" 1 
ATOM   189 O "O3'" . DG  A 1 10 ? -7.381  -12.509 9.076   1.00 23.96 ? 10 DG  A "O3'" 1 
ATOM   190 C "C2'" . DG  A 1 10 ? -6.739  -13.999 7.273   1.00 25.27 ? 10 DG  A "C2'" 1 
ATOM   191 C "C1'" . DG  A 1 10 ? -6.679  -12.973 6.154   1.00 25.53 ? 10 DG  A "C1'" 1 
ATOM   192 N N9    . DG  A 1 10 ? -6.411  -13.551 4.840   1.00 19.79 ? 10 DG  A N9    1 
ATOM   193 C C8    . DG  A 1 10 ? -5.431  -14.463 4.543   1.00 24.50 ? 10 DG  A C8    1 
ATOM   194 N N7    . DG  A 1 10 ? -5.395  -14.785 3.278   1.00 24.71 ? 10 DG  A N7    1 
ATOM   195 C C5    . DG  A 1 10 ? -6.418  -14.049 2.705   1.00 16.33 ? 10 DG  A C5    1 
ATOM   196 C C6    . DG  A 1 10 ? -6.855  -13.995 1.363   1.00 17.91 ? 10 DG  A C6    1 
ATOM   197 O O6    . DG  A 1 10 ? -6.408  -14.599 0.385   1.00 13.65 ? 10 DG  A O6    1 
ATOM   198 N N1    . DG  A 1 10 ? -7.932  -13.128 1.210   1.00 21.24 ? 10 DG  A N1    1 
ATOM   199 C C2    . DG  A 1 10 ? -8.512  -12.409 2.220   1.00 16.19 ? 10 DG  A C2    1 
ATOM   200 N N2    . DG  A 1 10 ? -9.554  -11.646 1.865   1.00 20.31 ? 10 DG  A N2    1 
ATOM   201 N N3    . DG  A 1 10 ? -8.107  -12.443 3.482   1.00 18.08 ? 10 DG  A N3    1 
ATOM   202 C C4    . DG  A 1 10 ? -7.063  -13.284 3.652   1.00 16.48 ? 10 DG  A C4    1 
ATOM   203 O "O5'" . DC  B 1 1  ? -10.136 -10.571 -5.162  1.00 24.87 ? 11 DC  B "O5'" 1 
ATOM   204 C "C5'" . DC  B 1 1  ? -11.344 -10.927 -5.836  1.00 35.08 ? 11 DC  B "C5'" 1 
ATOM   205 C "C4'" . DC  B 1 1  ? -12.350 -11.459 -4.842  1.00 37.15 ? 11 DC  B "C4'" 1 
ATOM   206 O "O4'" . DC  B 1 1  ? -11.791 -12.610 -4.174  1.00 36.40 ? 11 DC  B "O4'" 1 
ATOM   207 C "C3'" . DC  B 1 1  ? -12.675 -10.470 -3.733  1.00 35.29 ? 11 DC  B "C3'" 1 
ATOM   208 O "O3'" . DC  B 1 1  ? -13.986 -10.738 -3.225  1.00 26.48 ? 11 DC  B "O3'" 1 
ATOM   209 C "C2'" . DC  B 1 1  ? -11.594 -10.768 -2.708  1.00 39.53 ? 11 DC  B "C2'" 1 
ATOM   210 C "C1'" . DC  B 1 1  ? -11.395 -12.273 -2.856  1.00 36.76 ? 11 DC  B "C1'" 1 
ATOM   211 N N1    . DC  B 1 1  ? -10.009 -12.732 -2.698  1.00 36.08 ? 11 DC  B N1    1 
ATOM   212 C C2    . DC  B 1 1  ? -9.489  -12.928 -1.407  1.00 34.40 ? 11 DC  B C2    1 
ATOM   213 O O2    . DC  B 1 1  ? -10.202 -12.667 -0.414  1.00 29.69 ? 11 DC  B O2    1 
ATOM   214 N N3    . DC  B 1 1  ? -8.226  -13.397 -1.277  1.00 32.82 ? 11 DC  B N3    1 
ATOM   215 C C4    . DC  B 1 1  ? -7.492  -13.658 -2.365  1.00 35.27 ? 11 DC  B C4    1 
ATOM   216 N N4    . DC  B 1 1  ? -6.264  -14.147 -2.190  1.00 36.64 ? 11 DC  B N4    1 
ATOM   217 C C5    . DC  B 1 1  ? -7.988  -13.439 -3.680  1.00 36.96 ? 11 DC  B C5    1 
ATOM   218 C C6    . DC  B 1 1  ? -9.238  -12.980 -3.800  1.00 37.54 ? 11 DC  B C6    1 
ATOM   219 P P     . DC  B 1 2  ? -14.868 -9.539  -2.624  1.00 30.77 ? 12 DC  B P     1 
ATOM   220 O OP1   . DC  B 1 2  ? -15.624 -10.088 -1.460  1.00 23.69 ? 12 DC  B OP1   1 
ATOM   221 O OP2   . DC  B 1 2  ? -15.605 -8.864  -3.725  1.00 25.90 ? 12 DC  B OP2   1 
ATOM   222 O "O5'" . DC  B 1 2  ? -13.778 -8.519  -2.058  1.00 31.44 ? 12 DC  B "O5'" 1 
ATOM   223 C "C5'" . DC  B 1 2  ? -13.391 -8.573  -0.687  1.00 30.34 ? 12 DC  B "C5'" 1 
ATOM   224 C "C4'" . DC  B 1 2  ? -12.213 -7.664  -0.422  1.00 31.35 ? 12 DC  B "C4'" 1 
ATOM   225 O "O4'" . DC  B 1 2  ? -10.957 -8.270  -0.807  1.00 36.13 ? 12 DC  B "O4'" 1 
ATOM   226 C "C3'" . DC  B 1 2  ? -12.248 -6.285  -1.088  1.00 34.17 ? 12 DC  B "C3'" 1 
ATOM   227 O "O3'" . DC  B 1 2  ? -11.939 -5.299  -0.102  1.00 31.88 ? 12 DC  B "O3'" 1 
ATOM   228 C "C2'" . DC  B 1 2  ? -11.132 -6.361  -2.120  1.00 31.25 ? 12 DC  B "C2'" 1 
ATOM   229 C "C1'" . DC  B 1 2  ? -10.148 -7.275  -1.416  1.00 30.14 ? 12 DC  B "C1'" 1 
ATOM   230 N N1    . DC  B 1 2  ? -9.136  -7.953  -2.242  1.00 31.51 ? 12 DC  B N1    1 
ATOM   231 C C2    . DC  B 1 2  ? -8.389  -8.985  -1.658  1.00 30.44 ? 12 DC  B C2    1 
ATOM   232 O O2    . DC  B 1 2  ? -8.583  -9.263  -0.472  1.00 36.02 ? 12 DC  B O2    1 
ATOM   233 N N3    . DC  B 1 2  ? -7.474  -9.648  -2.395  1.00 27.67 ? 12 DC  B N3    1 
ATOM   234 C C4    . DC  B 1 2  ? -7.272  -9.307  -3.667  1.00 28.39 ? 12 DC  B C4    1 
ATOM   235 N N4    . DC  B 1 2  ? -6.362  -10.005 -4.358  1.00 27.68 ? 12 DC  B N4    1 
ATOM   236 C C5    . DC  B 1 2  ? -7.998  -8.239  -4.289  1.00 28.37 ? 12 DC  B C5    1 
ATOM   237 C C6    . DC  B 1 2  ? -8.917  -7.598  -3.547  1.00 31.86 ? 12 DC  B C6    1 
ATOM   238 P P     . DT  B 1 3  ? -13.105 -4.761  0.853   1.00 32.54 ? 13 DT  B P     1 
ATOM   239 O OP1   . DT  B 1 3  ? -13.816 -5.945  1.398   1.00 30.19 ? 13 DT  B OP1   1 
ATOM   240 O OP2   . DT  B 1 3  ? -13.861 -3.722  0.110   1.00 41.60 ? 13 DT  B OP2   1 
ATOM   241 O "O5'" . DT  B 1 3  ? -12.345 -4.084  2.077   1.00 38.68 ? 13 DT  B "O5'" 1 
ATOM   242 C "C5'" . DT  B 1 3  ? -11.972 -4.866  3.208   1.00 37.27 ? 13 DT  B "C5'" 1 
ATOM   243 C "C4'" . DT  B 1 3  ? -10.512 -4.653  3.529   1.00 34.97 ? 13 DT  B "C4'" 1 
ATOM   244 O "O4'" . DT  B 1 3  ? -9.706  -4.998  2.375   1.00 35.31 ? 13 DT  B "O4'" 1 
ATOM   245 C "C3'" . DT  B 1 3  ? -10.131 -3.216  3.897   1.00 36.01 ? 13 DT  B "C3'" 1 
ATOM   246 O "O3'" . DT  B 1 3  ? -9.150  -3.255  4.948   1.00 32.26 ? 13 DT  B "O3'" 1 
ATOM   247 C "C2'" . DT  B 1 3  ? -9.516  -2.685  2.612   1.00 32.30 ? 13 DT  B "C2'" 1 
ATOM   248 C "C1'" . DT  B 1 3  ? -8.809  -3.932  2.126   1.00 34.24 ? 13 DT  B "C1'" 1 
ATOM   249 N N1    . DT  B 1 3  ? -8.386  -3.991  0.713   1.00 33.40 ? 13 DT  B N1    1 
ATOM   250 C C2    . DT  B 1 3  ? -7.191  -4.636  0.479   1.00 30.13 ? 13 DT  B C2    1 
ATOM   251 O O2    . DT  B 1 3  ? -6.531  -5.133  1.375   1.00 31.74 ? 13 DT  B O2    1 
ATOM   252 N N3    . DT  B 1 3  ? -6.801  -4.680  -0.837  1.00 24.01 ? 13 DT  B N3    1 
ATOM   253 C C4    . DT  B 1 3  ? -7.478  -4.163  -1.924  1.00 20.49 ? 13 DT  B C4    1 
ATOM   254 O O4    . DT  B 1 3  ? -7.003  -4.290  -3.049  1.00 20.79 ? 13 DT  B O4    1 
ATOM   255 C C5    . DT  B 1 3  ? -8.738  -3.493  -1.612  1.00 22.55 ? 13 DT  B C5    1 
ATOM   256 C C7    . DT  B 1 3  ? -9.546  -2.906  -2.731  1.00 18.89 ? 13 DT  B C7    1 
ATOM   257 C C6    . DT  B 1 3  ? -9.124  -3.440  -0.323  1.00 29.48 ? 13 DT  B C6    1 
ATOM   258 P P     . DG  B 1 4  ? -9.618  -3.512  6.471   1.00 32.70 ? 14 DG  B P     1 
ATOM   259 O OP1   . DG  B 1 4  ? -10.296 -4.833  6.535   1.00 23.97 ? 14 DG  B OP1   1 
ATOM   260 O OP2   . DG  B 1 4  ? -10.323 -2.298  6.965   1.00 32.06 ? 14 DG  B OP2   1 
ATOM   261 O "O5'" . DG  B 1 4  ? -8.250  -3.647  7.276   1.00 38.20 ? 14 DG  B "O5'" 1 
ATOM   262 C "C5'" . DG  B 1 4  ? -7.665  -4.926  7.532   1.00 34.93 ? 14 DG  B "C5'" 1 
ATOM   263 C "C4'" . DG  B 1 4  ? -6.165  -4.847  7.368   1.00 30.22 ? 14 DG  B "C4'" 1 
ATOM   264 O "O4'" . DG  B 1 4  ? -5.860  -4.703  5.958   1.00 19.65 ? 14 DG  B "O4'" 1 
ATOM   265 C "C3'" . DG  B 1 4  ? -5.534  -3.640  8.066   1.00 35.24 ? 14 DG  B "C3'" 1 
ATOM   266 O "O3'" . DG  B 1 4  ? -4.267  -3.988  8.660   1.00 37.44 ? 14 DG  B "O3'" 1 
ATOM   267 C "C2'" . DG  B 1 4  ? -5.389  -2.626  6.943   1.00 26.48 ? 14 DG  B "C2'" 1 
ATOM   268 C "C1'" . DG  B 1 4  ? -5.138  -3.504  5.731   1.00 25.15 ? 14 DG  B "C1'" 1 
ATOM   269 N N9    . DG  B 1 4  ? -5.592  -2.920  4.466   1.00 19.67 ? 14 DG  B N9    1 
ATOM   270 C C8    . DG  B 1 4  ? -6.655  -2.070  4.281   1.00 19.24 ? 14 DG  B C8    1 
ATOM   271 N N7    . DG  B 1 4  ? -6.775  -1.660  3.047   1.00 13.62 ? 14 DG  B N7    1 
ATOM   272 C C5    . DG  B 1 4  ? -5.738  -2.288  2.375   1.00 15.31 ? 14 DG  B C5    1 
ATOM   273 C C6    . DG  B 1 4  ? -5.343  -2.209  1.012   1.00 22.20 ? 14 DG  B C6    1 
ATOM   274 O O6    . DG  B 1 4  ? -5.860  -1.562  0.095   1.00 23.91 ? 14 DG  B O6    1 
ATOM   275 N N1    . DG  B 1 4  ? -4.220  -2.991  0.758   1.00 21.48 ? 14 DG  B N1    1 
ATOM   276 C C2    . DG  B 1 4  ? -3.569  -3.760  1.693   1.00 16.58 ? 14 DG  B C2    1 
ATOM   277 N N2    . DG  B 1 4  ? -2.503  -4.440  1.258   1.00 23.38 ? 14 DG  B N2    1 
ATOM   278 N N3    . DG  B 1 4  ? -3.932  -3.852  2.956   1.00 15.05 ? 14 DG  B N3    1 
ATOM   279 C C4    . DG  B 1 4  ? -5.010  -3.087  3.230   1.00 15.71 ? 14 DG  B C4    1 
ATOM   280 P P     . DC  B 1 5  ? -3.259  -2.827  9.151   1.00 33.19 ? 15 DC  B P     1 
ATOM   281 O OP1   . DC  B 1 5  ? -2.610  -3.297  10.413  1.00 39.37 ? 15 DC  B OP1   1 
ATOM   282 O OP2   . DC  B 1 5  ? -3.944  -1.504  9.113   1.00 25.96 ? 15 DC  B OP2   1 
ATOM   283 O "O5'" . DC  B 1 5  ? -2.104  -2.834  8.062   1.00 35.87 ? 15 DC  B "O5'" 1 
ATOM   284 C "C5'" . DC  B 1 5  ? -1.210  -3.938  7.978   1.00 34.24 ? 15 DC  B "C5'" 1 
ATOM   285 C "C4'" . DC  B 1 5  ? -0.106  -3.625  7.003   1.00 32.70 ? 15 DC  B "C4'" 1 
ATOM   286 O "O4'" . DC  B 1 5  ? -0.714  -3.320  5.728   1.00 35.69 ? 15 DC  B "O4'" 1 
ATOM   287 C "C3'" . DC  B 1 5  ? 0.711   -2.388  7.370   1.00 36.95 ? 15 DC  B "C3'" 1 
ATOM   288 O "O3'" . DC  B 1 5  ? 2.056   -2.561  6.934   1.00 28.67 ? 15 DC  B "O3'" 1 
ATOM   289 C "C2'" . DC  B 1 5  ? 0.065   -1.286  6.557   1.00 31.21 ? 15 DC  B "C2'" 1 
ATOM   290 C "C1'" . DC  B 1 5  ? -0.299  -2.033  5.300   1.00 27.72 ? 15 DC  B "C1'" 1 
ATOM   291 N N1    . DC  B 1 5  ? -1.392  -1.434  4.526   1.00 17.66 ? 15 DC  B N1    1 
ATOM   292 C C2    . DC  B 1 5  ? -1.226  -1.291  3.159   1.00 13.82 ? 15 DC  B C2    1 
ATOM   293 O O2    . DC  B 1 5  ? -0.169  -1.714  2.640   1.00 14.17 ? 15 DC  B O2    1 
ATOM   294 N N3    . DC  B 1 5  ? -2.203  -0.701  2.428   1.00 5.66  ? 15 DC  B N3    1 
ATOM   295 C C4    . DC  B 1 5  ? -3.311  -0.269  3.027   1.00 7.91  ? 15 DC  B C4    1 
ATOM   296 N N4    . DC  B 1 5  ? -4.236  0.342   2.281   1.00 4.94  ? 15 DC  B N4    1 
ATOM   297 C C5    . DC  B 1 5  ? -3.523  -0.435  4.426   1.00 17.88 ? 15 DC  B C5    1 
ATOM   298 C C6    . DC  B 1 5  ? -2.543  -1.018  5.133   1.00 22.25 ? 15 DC  B C6    1 
ATOM   299 P P     . DG  B 1 6  ? 3.245   -1.930  7.795   1.00 27.86 ? 16 DG  B P     1 
ATOM   300 O OP1   . DG  B 1 6  ? 3.544   -2.821  8.941   1.00 31.97 ? 16 DG  B OP1   1 
ATOM   301 O OP2   . DG  B 1 6  ? 2.917   -0.498  8.043   1.00 31.05 ? 16 DG  B OP2   1 
ATOM   302 O "O5'" . DG  B 1 6  ? 4.492   -1.986  6.803   1.00 31.80 ? 16 DG  B "O5'" 1 
ATOM   303 C "C5'" . DG  B 1 6  ? 4.477   -2.812  5.644   1.00 24.96 ? 16 DG  B "C5'" 1 
ATOM   304 C "C4'" . DG  B 1 6  ? 4.853   -1.991  4.435   1.00 31.31 ? 16 DG  B "C4'" 1 
ATOM   305 O "O4'" . DG  B 1 6  ? 3.680   -1.516  3.724   1.00 31.98 ? 16 DG  B "O4'" 1 
ATOM   306 C "C3'" . DG  B 1 6  ? 5.665   -0.749  4.806   1.00 35.24 ? 16 DG  B "C3'" 1 
ATOM   307 O "O3'" . DG  B 1 6  ? 6.701   -0.553  3.843   1.00 39.08 ? 16 DG  B "O3'" 1 
ATOM   308 C "C2'" . DG  B 1 6  ? 4.640   0.371   4.717   1.00 27.19 ? 16 DG  B "C2'" 1 
ATOM   309 C "C1'" . DG  B 1 6  ? 3.795   -0.108  3.551   1.00 30.66 ? 16 DG  B "C1'" 1 
ATOM   310 N N9    . DG  B 1 6  ? 2.451   0.461   3.453   1.00 24.05 ? 16 DG  B N9    1 
ATOM   311 C C8    . DG  B 1 6  ? 1.553   0.702   4.470   1.00 22.03 ? 16 DG  B C8    1 
ATOM   312 N N7    . DG  B 1 6  ? 0.434   1.237   4.047   1.00 18.47 ? 16 DG  B N7    1 
ATOM   313 C C5    . DG  B 1 6  ? 0.602   1.337   2.671   1.00 14.31 ? 16 DG  B C5    1 
ATOM   314 C C6    . DG  B 1 6  ? -0.283  1.821   1.658   1.00 14.43 ? 16 DG  B C6    1 
ATOM   315 O O6    . DG  B 1 6  ? -1.451  2.225   1.773   1.00 8.89  ? 16 DG  B O6    1 
ATOM   316 N N1    . DG  B 1 6  ? 0.314   1.779   0.400   1.00 15.15 ? 16 DG  B N1    1 
ATOM   317 C C2    . DG  B 1 6  ? 1.576   1.297   0.138   1.00 10.23 ? 16 DG  B C2    1 
ATOM   318 N N2    . DG  B 1 6  ? 1.979   1.339   -1.128  1.00 19.28 ? 16 DG  B N2    1 
ATOM   319 N N3    . DG  B 1 6  ? 2.387   0.812   1.058   1.00 18.72 ? 16 DG  B N3    1 
ATOM   320 C C4    . DG  B 1 6  ? 1.844   0.870   2.294   1.00 19.03 ? 16 DG  B C4    1 
ATOM   321 P P     . DC  B 1 7  ? 8.127   -1.271  4.053   1.00 43.97 ? 17 DC  B P     1 
ATOM   322 O OP1   . DC  B 1 7  ? 7.886   -2.715  4.312   1.00 32.29 ? 17 DC  B OP1   1 
ATOM   323 O OP2   . DC  B 1 7  ? 8.910   -0.464  5.036   1.00 34.64 ? 17 DC  B OP2   1 
ATOM   324 O "O5'" . DC  B 1 7  ? 8.796   -1.126  2.616   1.00 42.58 ? 17 DC  B "O5'" 1 
ATOM   325 C "C5'" . DC  B 1 7  ? 8.053   -1.427  1.433   1.00 42.33 ? 17 DC  B "C5'" 1 
ATOM   326 C "C4'" . DC  B 1 7  ? 7.938   -0.202  0.552   1.00 37.90 ? 17 DC  B "C4'" 1 
ATOM   327 O "O4'" . DC  B 1 7  ? 6.643   0.445   0.645   1.00 39.11 ? 17 DC  B "O4'" 1 
ATOM   328 C "C3'" . DC  B 1 7  ? 8.974   0.896   0.809   1.00 36.39 ? 17 DC  B "C3'" 1 
ATOM   329 O "O3'" . DC  B 1 7  ? 9.480   1.366   -0.434  1.00 32.28 ? 17 DC  B "O3'" 1 
ATOM   330 C "C2'" . DC  B 1 7  ? 8.159   2.005   1.445   1.00 34.38 ? 17 DC  B "C2'" 1 
ATOM   331 C "C1'" . DC  B 1 7  ? 6.872   1.844   0.667   1.00 38.66 ? 17 DC  B "C1'" 1 
ATOM   332 N N1    . DC  B 1 7  ? 5.683   2.509   1.214   1.00 32.67 ? 17 DC  B N1    1 
ATOM   333 C C2    . DC  B 1 7  ? 4.686   2.907   0.328   1.00 32.82 ? 17 DC  B C2    1 
ATOM   334 O O2    . DC  B 1 7  ? 4.853   2.706   -0.892  1.00 21.57 ? 17 DC  B O2    1 
ATOM   335 N N3    . DC  B 1 7  ? 3.568   3.499   0.813   1.00 34.98 ? 17 DC  B N3    1 
ATOM   336 C C4    . DC  B 1 7  ? 3.436   3.699   2.125   1.00 33.66 ? 17 DC  B C4    1 
ATOM   337 N N4    . DC  B 1 7  ? 2.306   4.256   2.568   1.00 29.75 ? 17 DC  B N4    1 
ATOM   338 C C5    . DC  B 1 7  ? 4.453   3.328   3.046   1.00 37.99 ? 17 DC  B C5    1 
ATOM   339 C C6    . DC  B 1 7  ? 5.550   2.738   2.551   1.00 37.21 ? 17 DC  B C6    1 
ATOM   340 P P     . DA  B 1 8  ? 11.047  1.277   -0.717  1.00 26.04 ? 18 DA  B P     1 
ATOM   341 O OP1   . DA  B 1 8  ? 11.402  -0.161  -0.805  1.00 32.54 ? 18 DA  B OP1   1 
ATOM   342 O OP2   . DA  B 1 8  ? 11.714  2.126   0.289   1.00 35.98 ? 18 DA  B OP2   1 
ATOM   343 O "O5'" . DA  B 1 8  ? 11.203  1.951   -2.146  1.00 35.21 ? 18 DA  B "O5'" 1 
ATOM   344 C "C5'" . DA  B 1 8  ? 10.129  1.935   -3.080  1.00 36.72 ? 18 DA  B "C5'" 1 
ATOM   345 C "C4'" . DA  B 1 8  ? 9.808   3.345   -3.519  1.00 38.81 ? 18 DA  B "C4'" 1 
ATOM   346 O "O4'" . DA  B 1 8  ? 9.176   4.068   -2.436  1.00 40.49 ? 18 DA  B "O4'" 1 
ATOM   347 C "C3'" . DA  B 1 8  ? 11.031  4.169   -3.910  1.00 39.41 ? 18 DA  B "C3'" 1 
ATOM   348 O "O3'" . DA  B 1 8  ? 10.674  5.080   -4.951  1.00 47.51 ? 18 DA  B "O3'" 1 
ATOM   349 C "C2'" . DA  B 1 8  ? 11.344  4.931   -2.636  1.00 32.84 ? 18 DA  B "C2'" 1 
ATOM   350 C "C1'" . DA  B 1 8  ? 9.960   5.192   -2.067  1.00 23.20 ? 18 DA  B "C1'" 1 
ATOM   351 N N9    . DA  B 1 8  ? 10.198  5.514   -0.751  1.00 22.24 ? 18 DA  B N9    1 
ATOM   352 C C8    . DA  B 1 8  ? 10.936  4.965   0.281   1.00 17.16 ? 18 DA  B C8    1 
ATOM   353 N N7    . DA  B 1 8  ? 10.256  4.802   1.390   1.00 17.07 ? 18 DA  B N7    1 
ATOM   354 C C5    . DA  B 1 8  ? 8.985   5.281   1.077   1.00 17.70 ? 18 DA  B C5    1 
ATOM   355 C C6    . DA  B 1 8  ? 7.801   5.393   1.834   1.00 16.84 ? 18 DA  B C6    1 
ATOM   356 N N6    . DA  B 1 8  ? 7.691   4.972   3.097   1.00 4.57  ? 18 DA  B N6    1 
ATOM   357 N N1    . DA  B 1 8  ? 6.721   5.949   1.233   1.00 18.52 ? 18 DA  B N1    1 
ATOM   358 C C2    . DA  B 1 8  ? 6.826   6.332   -0.052  1.00 7.05  ? 18 DA  B C2    1 
ATOM   359 N N3    . DA  B 1 8  ? 7.873   6.260   -0.870  1.00 9.95  ? 18 DA  B N3    1 
ATOM   360 C C4    . DA  B 1 8  ? 8.936   5.727   -0.237  1.00 18.89 ? 18 DA  B C4    1 
ATOM   361 P P     . DG  B 1 9  ? 11.683  5.330   -6.174  1.00 54.69 ? 19 DG  B P     1 
ATOM   362 O OP1   . DG  B 1 9  ? 11.683  4.089   -6.997  1.00 57.40 ? 19 DG  B OP1   1 
ATOM   363 O OP2   . DG  B 1 9  ? 12.964  5.857   -5.629  1.00 55.91 ? 19 DG  B OP2   1 
ATOM   364 O "O5'" . DG  B 1 9  ? 10.979  6.489   -7.007  1.00 53.30 ? 19 DG  B "O5'" 1 
ATOM   365 C "C5'" . DG  B 1 9  ? 9.554   6.578   -7.060  1.00 50.12 ? 19 DG  B "C5'" 1 
ATOM   366 C "C4'" . DG  B 1 9  ? 9.084   7.865   -6.420  1.00 45.51 ? 19 DG  B "C4'" 1 
ATOM   367 O "O4'" . DG  B 1 9  ? 9.176   7.791   -4.974  1.00 41.54 ? 19 DG  B "O4'" 1 
ATOM   368 C "C3'" . DG  B 1 9  ? 9.884   9.104   -6.831  1.00 41.50 ? 19 DG  B "C3'" 1 
ATOM   369 O "O3'" . DG  B 1 9  ? 9.002   10.192  -7.111  1.00 37.45 ? 19 DG  B "O3'" 1 
ATOM   370 C "C2'" . DG  B 1 9  ? 10.728  9.407   -5.603  1.00 38.46 ? 19 DG  B "C2'" 1 
ATOM   371 C "C1'" . DG  B 1 9  ? 9.800   8.969   -4.489  1.00 35.64 ? 19 DG  B "C1'" 1 
ATOM   372 N N9    . DG  B 1 9  ? 10.436  8.657   -3.213  1.00 33.38 ? 19 DG  B N9    1 
ATOM   373 C C8    . DG  B 1 9  ? 11.699  8.157   -3.006  1.00 30.57 ? 19 DG  B C8    1 
ATOM   374 N N7    . DG  B 1 9  ? 11.975  7.970   -1.744  1.00 30.67 ? 19 DG  B N7    1 
ATOM   375 C C5    . DG  B 1 9  ? 10.826  8.374   -1.077  1.00 28.86 ? 19 DG  B C5    1 
ATOM   376 C C6    . DG  B 1 9  ? 10.518  8.388   0.321   1.00 26.94 ? 19 DG  B C6    1 
ATOM   377 O O6    . DG  B 1 9  ? 11.218  8.021   1.277   1.00 26.40 ? 19 DG  B O6    1 
ATOM   378 N N1    . DG  B 1 9  ? 9.239   8.879   0.554   1.00 23.38 ? 19 DG  B N1    1 
ATOM   379 C C2    . DG  B 1 9  ? 8.360   9.288   -0.416  1.00 21.58 ? 19 DG  B C2    1 
ATOM   380 N N2    . DG  B 1 9  ? 7.167   9.715   0.015   1.00 23.13 ? 19 DG  B N2    1 
ATOM   381 N N3    . DG  B 1 9  ? 8.628   9.275   -1.714  1.00 26.05 ? 19 DG  B N3    1 
ATOM   382 C C4    . DG  B 1 9  ? 9.870   8.807   -1.969  1.00 30.17 ? 19 DG  B C4    1 
ATOM   383 P P     . DG  B 1 10 ? 9.427   11.281  -8.207  1.00 39.61 ? 20 DG  B P     1 
ATOM   384 O OP1   . DG  B 1 10 ? 9.506   10.621  -9.536  1.00 39.11 ? 20 DG  B OP1   1 
ATOM   385 O OP2   . DG  B 1 10 ? 10.613  11.988  -7.669  1.00 39.88 ? 20 DG  B OP2   1 
ATOM   386 O "O5'" . DG  B 1 10 ? 8.201   12.294  -8.249  1.00 38.72 ? 20 DG  B "O5'" 1 
ATOM   387 C "C5'" . DG  B 1 10 ? 6.919   11.869  -8.686  1.00 33.81 ? 20 DG  B "C5'" 1 
ATOM   388 C "C4'" . DG  B 1 10 ? 5.857   12.486  -7.809  1.00 35.40 ? 20 DG  B "C4'" 1 
ATOM   389 O "O4'" . DG  B 1 10 ? 6.148   12.123  -6.437  1.00 26.81 ? 20 DG  B "O4'" 1 
ATOM   390 C "C3'" . DG  B 1 10 ? 5.857   14.013  -7.833  1.00 34.17 ? 20 DG  B "C3'" 1 
ATOM   391 O "O3'" . DG  B 1 10 ? 4.568   14.489  -7.412  1.00 32.33 ? 20 DG  B "O3'" 1 
ATOM   392 C "C2'" . DG  B 1 10 ? 6.875   14.351  -6.759  1.00 28.07 ? 20 DG  B "C2'" 1 
ATOM   393 C "C1'" . DG  B 1 10 ? 6.612   13.263  -5.719  1.00 28.68 ? 20 DG  B "C1'" 1 
ATOM   394 N N9    . DG  B 1 10 ? 7.791   12.864  -4.952  1.00 22.60 ? 20 DG  B N9    1 
ATOM   395 C C8    . DG  B 1 10 ? 9.047   12.586  -5.440  1.00 18.25 ? 20 DG  B C8    1 
ATOM   396 N N7    . DG  B 1 10 ? 9.895   12.250  -4.512  1.00 12.80 ? 20 DG  B N7    1 
ATOM   397 C C5    . DG  B 1 10 ? 9.156   12.310  -3.339  1.00 19.74 ? 20 DG  B C5    1 
ATOM   398 C C6    . DG  B 1 10 ? 9.538   12.056  -1.994  1.00 14.10 ? 20 DG  B C6    1 
ATOM   399 O O6    . DG  B 1 10 ? 10.637  11.675  -1.553  1.00 17.07 ? 20 DG  B O6    1 
ATOM   400 N N1    . DG  B 1 10 ? 8.483   12.263  -1.117  1.00 21.32 ? 20 DG  B N1    1 
ATOM   401 C C2    . DG  B 1 10 ? 7.217   12.644  -1.480  1.00 20.94 ? 20 DG  B C2    1 
ATOM   402 N N2    . DG  B 1 10 ? 6.327   12.762  -0.490  1.00 23.29 ? 20 DG  B N2    1 
ATOM   403 N N3    . DG  B 1 10 ? 6.846   12.881  -2.725  1.00 24.09 ? 20 DG  B N3    1 
ATOM   404 C C4    . DG  B 1 10 ? 7.857   12.695  -3.597  1.00 20.08 ? 20 DG  B C4    1 
HETATM 405 O O     . HOH C 2 .  ? 4.300   -15.403 -0.136  1.00 2.00  ? 21 HOH A O     1 
HETATM 406 O O     . HOH C 2 .  ? 5.640   -5.909  -4.244  1.00 2.00  ? 25 HOH A O     1 
HETATM 407 O O     . HOH C 2 .  ? -6.137  -9.081  7.783   1.00 2.00  ? 26 HOH A O     1 
HETATM 408 O O     . HOH C 2 .  ? 3.356   -10.815 2.338   1.00 7.75  ? 29 HOH A O     1 
HETATM 409 O O     . HOH C 2 .  ? 0.352   -17.137 -2.356  1.00 2.00  ? 31 HOH A O     1 
HETATM 410 O O     . HOH C 2 .  ? -0.652  8.825   8.489   1.00 15.78 ? 37 HOH A O     1 
HETATM 411 O O     . HOH C 2 .  ? -12.361 -9.217  3.998   1.00 6.06  ? 40 HOH A O     1 
HETATM 412 O O     . HOH C 2 .  ? 3.691   1.292   -3.586  1.00 2.00  ? 41 HOH A O     1 
HETATM 413 O O     . HOH C 2 .  ? -2.734  -9.513  3.700   1.00 2.00  ? 43 HOH A O     1 
HETATM 414 O O     . HOH C 2 .  ? -0.685  -14.084 -3.485  1.00 7.63  ? 45 HOH A O     1 
HETATM 415 O O     . HOH C 2 .  ? -0.283  16.522  3.789   1.00 6.38  ? 47 HOH A O     1 
HETATM 416 O O     . HOH C 2 .  ? 3.998   6.776   -11.830 1.00 18.73 ? 54 HOH A O     1 
HETATM 417 O O     . HOH C 2 .  ? -2.957  9.846   5.110   1.00 29.00 ? 58 HOH A O     1 
HETATM 418 O O     . HOH D 2 .  ? -1.289  -5.256  4.285   1.00 2.00  ? 22 HOH B O     1 
HETATM 419 O O     . HOH D 2 .  ? 2.684   12.660  -13.885 1.00 16.85 ? 23 HOH B O     1 
HETATM 420 O O     . HOH D 2 .  ? 1.104   14.842  -9.319  1.00 6.03  ? 24 HOH B O     1 
HETATM 421 O O     . HOH D 2 .  ? 2.722   5.049   7.276   1.00 3.90  ? 28 HOH B O     1 
HETATM 422 O O     . HOH D 2 .  ? -9.227  -7.653  -8.038  1.00 11.54 ? 30 HOH B O     1 
HETATM 423 O O     . HOH D 2 .  ? -0.149  2.355   9.126   1.00 2.00  ? 32 HOH B O     1 
HETATM 424 O O     . HOH D 2 .  ? 6.914   -3.168  8.499   1.00 2.00  ? 33 HOH B O     1 
HETATM 425 O O     . HOH D 2 .  ? 3.985   -6.551  6.762   1.00 2.00  ? 34 HOH B O     1 
HETATM 426 O O     . HOH D 2 .  ? -15.727 -6.024  -5.699  1.00 10.20 ? 35 HOH B O     1 
HETATM 427 O O     . HOH D 2 .  ? 18.044  7.908   -4.286  1.00 9.13  ? 36 HOH B O     1 
HETATM 428 O O     . HOH D 2 .  ? -7.082  -4.500  -5.381  1.00 10.04 ? 42 HOH B O     1 
HETATM 429 O O     . HOH D 2 .  ? -12.348 -1.405  1.895   1.00 29.61 ? 44 HOH B O     1 
HETATM 430 O O     . HOH D 2 .  ? 5.614   -3.167  -0.094  1.00 2.00  ? 48 HOH B O     1 
HETATM 431 O O     . HOH D 2 .  ? -14.357 0.964   0.060   1.00 3.83  ? 49 HOH B O     1 
HETATM 432 O O     . HOH D 2 .  ? -13.508 -3.753  7.493   1.00 13.23 ? 50 HOH B O     1 
HETATM 433 O O     . HOH D 2 .  ? 12.307  11.446  -11.306 1.00 22.59 ? 51 HOH B O     1 
HETATM 434 O O     . HOH D 2 .  ? 10.186  1.079   6.821   1.00 16.17 ? 52 HOH B O     1 
HETATM 435 O O     . HOH D 2 .  ? -12.974 -3.787  -7.919  1.00 21.84 ? 53 HOH B O     1 
HETATM 436 O O     . HOH D 2 .  ? -13.594 -1.999  6.134   1.00 17.00 ? 57 HOH B O     1 
# 
